data_2X8T
#
_entry.id   2X8T
#
_cell.length_a   51.800
_cell.length_b   57.370
_cell.length_c   85.480
_cell.angle_alpha   82.10
_cell.angle_beta   88.21
_cell.angle_gamma   63.61
#
_symmetry.space_group_name_H-M   'P 1'
#
loop_
_entity.id
_entity.type
_entity.pdbx_description
1 polymer ENDO-ALPHA-1,5-ARABINANASE
2 non-polymer 'CALCIUM ION'
3 non-polymer 'CHLORIDE ION'
4 non-polymer (4S)-2-METHYL-2,4-PENTANEDIOL
5 non-polymer GLYCEROL
6 non-polymer 'SODIUM ION'
7 non-polymer 2-AMINO-2-HYDROXYMETHYL-PROPANE-1,3-DIOL
8 water water
#
_entity_poly.entity_id   1
_entity_poly.type   'polypeptide(L)'
_entity_poly.pdbx_seq_one_letter_code
;MFNRLFRVCFLAALIMAFTLPNSVYAQKPIFKEVSVHDPSIIETNGTFYVFGSHLASAKSNDLMQWQQLTTSVSNDNPLI
PNVYEELKETFEWAQSDTLWAADVTQLADGKYYMYYNACRGDSPRSAMGVAVADNIEGPYKNKGIFLKSGMEGTSSDGTP
YDATKHPNVVDPHTFFDKDGKLWMVYGSYSGGIFILEMNPKTGFPLPGQGYGKKLLGGNHSRIEGPYVLYNPDTQYYYLY
LSYGGLDATGGYNIRVARSKKPDGPYYDAEGNPMLDVRGKGGTFFDDRSIEPYGVKLMGSYTFETENEKGTGYVSPGANS
AYYDEKTGRSYLIFHTRFPGRGEEHEVRVHQLFMNKDGWPVAAPYRYAGETLKEVKQKDITGTYKLIQHGKDISADIKQT
INIQLNKNHTISGEMTGTWRKTGKNTADITLAGKKYNGVFLRQWDSVREKNVMTFSVLNTSGEAVWGSKLA
;
_entity_poly.pdbx_strand_id   A,B
#
loop_
_chem_comp.id
_chem_comp.type
_chem_comp.name
_chem_comp.formula
CA non-polymer 'CALCIUM ION' 'Ca 2'
CL non-polymer 'CHLORIDE ION' 'Cl -1'
GOL non-polymer GLYCEROL 'C3 H8 O3'
MPD non-polymer (4S)-2-METHYL-2,4-PENTANEDIOL 'C6 H14 O2'
NA non-polymer 'SODIUM ION' 'Na 1'
TRS non-polymer 2-AMINO-2-HYDROXYMETHYL-PROPANE-1,3-DIOL 'C4 H12 N O3 1'
#
# COMPACT_ATOMS: atom_id res chain seq x y z
N LYS A 28 1.64 -8.90 49.10
CA LYS A 28 3.07 -8.78 49.29
C LYS A 28 3.82 -8.21 48.08
N PRO A 29 3.36 -8.51 46.84
CA PRO A 29 4.00 -7.85 45.70
C PRO A 29 4.00 -6.34 45.89
N ILE A 30 5.13 -5.70 45.64
CA ILE A 30 5.21 -4.26 45.81
C ILE A 30 5.32 -3.53 44.48
N PHE A 31 4.47 -2.54 44.28
CA PHE A 31 4.55 -1.69 43.11
C PHE A 31 4.87 -0.26 43.52
N LYS A 32 5.72 0.40 42.74
CA LYS A 32 5.88 1.84 42.85
C LYS A 32 5.64 2.43 41.48
N GLU A 33 4.68 3.35 41.39
CA GLU A 33 4.19 3.83 40.10
C GLU A 33 5.01 5.00 39.57
N VAL A 34 5.04 5.13 38.25
CA VAL A 34 5.62 6.29 37.62
C VAL A 34 4.72 6.74 36.47
N SER A 35 4.93 7.95 36.00
CA SER A 35 4.17 8.48 34.89
C SER A 35 5.13 8.86 33.78
N VAL A 36 5.11 8.03 32.74
CA VAL A 36 5.88 8.29 31.54
C VAL A 36 4.94 8.00 30.40
N HIS A 37 4.49 9.04 29.70
CA HIS A 37 3.55 8.87 28.60
C HIS A 37 4.30 8.26 27.42
N ASP A 38 3.67 7.31 26.74
CA ASP A 38 4.33 6.66 25.59
C ASP A 38 5.68 6.02 25.95
N PRO A 39 5.68 5.12 26.94
CA PRO A 39 6.96 4.58 27.44
C PRO A 39 7.62 3.67 26.41
N SER A 40 8.91 3.89 26.17
CA SER A 40 9.66 3.06 25.25
C SER A 40 10.73 2.33 26.03
N ILE A 41 10.53 1.03 26.19
CA ILE A 41 11.37 0.19 27.03
C ILE A 41 12.76 -0.02 26.43
N ILE A 42 13.77 0.02 27.28
CA ILE A 42 15.11 -0.43 26.89
C ILE A 42 15.77 -1.03 28.12
N GLU A 43 16.38 -2.20 27.95
CA GLU A 43 17.12 -2.83 29.03
C GLU A 43 18.60 -2.65 28.78
N THR A 44 19.32 -2.24 29.81
CA THR A 44 20.73 -2.19 29.67
C THR A 44 21.38 -2.70 30.94
N ASN A 45 22.03 -3.84 30.78
CA ASN A 45 22.88 -4.42 31.82
C ASN A 45 22.10 -4.59 33.11
N GLY A 46 20.95 -5.22 32.99
CA GLY A 46 20.16 -5.51 34.17
C GLY A 46 19.20 -4.49 34.67
N THR A 47 19.23 -3.30 34.12
CA THR A 47 18.26 -2.29 34.49
C THR A 47 17.32 -1.97 33.32
N PHE A 48 16.03 -1.86 33.62
CA PHE A 48 15.06 -1.42 32.63
C PHE A 48 14.80 0.07 32.72
N TYR A 49 14.76 0.73 31.56
CA TYR A 49 14.40 2.14 31.49
C TYR A 49 13.22 2.30 30.56
N VAL A 50 12.37 3.27 30.85
CA VAL A 50 11.40 3.75 29.87
C VAL A 50 11.67 5.21 29.59
N PHE A 51 11.67 5.55 28.30
CA PHE A 51 11.74 6.94 27.86
C PHE A 51 10.45 7.22 27.10
N GLY A 52 9.78 8.32 27.45
CA GLY A 52 8.51 8.64 26.81
C GLY A 52 8.48 10.03 26.21
N SER A 53 7.31 10.67 26.24
CA SER A 53 7.16 12.05 25.79
C SER A 53 7.58 13.03 26.88
N HIS A 54 7.77 14.28 26.49
CA HIS A 54 8.13 15.34 27.45
C HIS A 54 9.46 15.06 28.12
N LEU A 55 10.33 14.32 27.44
CA LEU A 55 11.64 14.00 27.98
C LEU A 55 11.51 13.37 29.36
N ALA A 56 10.41 12.65 29.58
CA ALA A 56 10.19 11.93 30.83
C ALA A 56 10.83 10.52 30.77
N SER A 57 11.20 9.99 31.93
CA SER A 57 11.88 8.70 31.98
C SER A 57 11.76 8.10 33.37
N ALA A 58 11.95 6.79 33.45
CA ALA A 58 11.91 6.09 34.72
C ALA A 58 12.70 4.80 34.58
N LYS A 59 13.10 4.21 35.72
CA LYS A 59 13.87 2.96 35.66
C LYS A 59 13.41 1.97 36.74
N SER A 60 13.69 0.69 36.49
CA SER A 60 13.31 -0.36 37.43
C SER A 60 14.18 -1.59 37.23
N ASN A 61 14.45 -2.32 38.32
CA ASN A 61 15.16 -3.59 38.20
C ASN A 61 14.24 -4.80 38.07
N ASP A 62 12.97 -4.65 38.44
CA ASP A 62 12.08 -5.81 38.51
C ASP A 62 10.77 -5.63 37.72
N LEU A 63 10.67 -4.52 37.01
CA LEU A 63 9.47 -4.19 36.22
C LEU A 63 8.24 -3.96 37.09
N MET A 64 8.44 -3.85 38.39
CA MET A 64 7.32 -3.65 39.33
C MET A 64 7.45 -2.37 40.15
N GLN A 65 8.66 -2.12 40.65
CA GLN A 65 8.93 -0.88 41.35
C GLN A 65 9.72 0.00 40.42
N TRP A 66 9.12 1.11 40.01
CA TRP A 66 9.77 2.04 39.12
C TRP A 66 10.20 3.27 39.89
N GLN A 67 11.31 3.87 39.46
CA GLN A 67 11.74 5.15 40.00
C GLN A 67 11.66 6.22 38.92
N GLN A 68 10.91 7.29 39.20
CA GLN A 68 10.78 8.40 38.27
C GLN A 68 12.11 9.14 38.21
N LEU A 69 12.63 9.33 37.00
CA LEU A 69 13.92 10.03 36.83
C LEU A 69 13.73 11.44 36.32
N THR A 70 12.89 11.60 35.31
CA THR A 70 12.58 12.91 34.74
C THR A 70 11.10 12.97 34.39
N THR A 71 10.56 14.18 34.28
CA THR A 71 9.12 14.34 34.05
C THR A 71 8.73 15.36 33.00
N SER A 72 9.60 16.31 32.68
CA SER A 72 9.25 17.32 31.70
C SER A 72 10.44 17.98 31.01
N VAL A 73 10.17 18.70 29.93
CA VAL A 73 11.21 19.39 29.20
C VAL A 73 11.51 20.74 29.86
N SER A 74 12.72 20.91 30.35
CA SER A 74 13.16 22.20 30.91
C SER A 74 14.66 22.20 30.97
N ASN A 75 15.27 23.37 31.13
CA ASN A 75 16.73 23.46 31.14
C ASN A 75 17.31 22.74 32.35
N ASP A 76 16.40 22.20 33.16
CA ASP A 76 16.73 21.50 34.41
C ASP A 76 16.72 19.98 34.21
N ASN A 77 16.28 19.53 33.04
CA ASN A 77 16.26 18.10 32.75
C ASN A 77 17.65 17.56 32.43
N PRO A 78 18.14 16.62 33.24
CA PRO A 78 19.53 16.13 33.12
C PRO A 78 19.78 15.29 31.87
N LEU A 79 18.73 14.74 31.27
CA LEU A 79 18.92 13.93 30.07
C LEU A 79 19.55 14.75 28.94
N ILE A 80 19.13 16.01 28.85
CA ILE A 80 19.68 16.92 27.85
C ILE A 80 19.77 18.29 28.49
N PRO A 81 20.91 18.59 29.12
CA PRO A 81 21.08 19.89 29.77
C PRO A 81 20.89 21.02 28.76
N ASN A 82 20.30 22.13 29.23
CA ASN A 82 20.08 23.28 28.36
C ASN A 82 19.38 22.82 27.08
N VAL A 83 18.36 21.98 27.25
CA VAL A 83 17.68 21.34 26.13
C VAL A 83 17.15 22.34 25.11
N TYR A 84 16.61 23.47 25.57
CA TYR A 84 16.03 24.46 24.66
C TYR A 84 17.06 25.08 23.70
N GLU A 85 18.31 25.10 24.12
CA GLU A 85 19.39 25.50 23.21
C GLU A 85 19.90 24.31 22.39
N GLU A 86 20.07 23.17 23.04
CA GLU A 86 20.61 21.97 22.40
C GLU A 86 19.77 21.52 21.23
N LEU A 87 18.46 21.57 21.39
CA LEU A 87 17.54 21.15 20.34
C LEU A 87 16.77 22.33 19.76
N LYS A 88 17.39 23.51 19.77
CA LYS A 88 16.67 24.72 19.38
C LYS A 88 15.98 24.63 18.00
N GLU A 89 16.66 24.03 17.02
CA GLU A 89 16.09 23.93 15.68
C GLU A 89 14.80 23.11 15.71
N THR A 90 14.76 22.10 16.56
CA THR A 90 13.55 21.27 16.65
C THR A 90 12.37 22.03 17.27
N PHE A 91 12.62 22.72 18.39
CA PHE A 91 11.55 23.50 18.99
C PHE A 91 11.07 24.60 18.06
N GLU A 92 11.99 25.18 17.29
CA GLU A 92 11.63 26.28 16.39
C GLU A 92 10.80 25.77 15.22
N TRP A 93 11.22 24.64 14.64
CA TRP A 93 10.47 24.05 13.53
C TRP A 93 9.08 23.63 13.97
N ALA A 94 9.02 22.87 15.06
CA ALA A 94 7.76 22.29 15.52
C ALA A 94 6.88 23.29 16.28
N GLN A 95 7.40 24.45 16.57
CA GLN A 95 6.66 25.44 17.27
C GLN A 95 6.05 24.87 18.56
N SER A 96 6.91 24.27 19.36
CA SER A 96 6.47 23.66 20.61
C SER A 96 7.51 23.91 21.70
N ASP A 97 7.11 23.70 22.95
CA ASP A 97 8.06 23.76 24.06
C ASP A 97 8.23 22.39 24.72
N THR A 98 7.75 21.35 24.06
CA THR A 98 7.96 20.00 24.58
C THR A 98 8.39 19.05 23.46
N LEU A 99 8.67 17.81 23.82
CA LEU A 99 9.02 16.77 22.85
C LEU A 99 7.99 15.67 22.95
N TRP A 100 7.78 14.94 21.86
CA TRP A 100 6.86 13.83 21.90
C TRP A 100 7.61 12.52 22.18
N ALA A 101 7.05 11.40 21.75
CA ALA A 101 7.48 10.10 22.28
C ALA A 101 8.84 9.64 21.79
N ALA A 102 9.83 9.68 22.68
CA ALA A 102 11.19 9.31 22.31
C ALA A 102 11.32 7.79 22.15
N ASP A 103 12.37 7.36 21.45
CA ASP A 103 12.87 6.00 21.63
C ASP A 103 14.37 6.09 21.84
N VAL A 104 14.88 5.29 22.76
CA VAL A 104 16.33 5.19 22.94
C VAL A 104 16.78 3.78 22.61
N THR A 105 17.81 3.66 21.81
CA THR A 105 18.35 2.37 21.40
C THR A 105 19.88 2.34 21.48
N GLN A 106 20.45 1.33 22.09
CA GLN A 106 21.89 1.18 22.10
C GLN A 106 22.40 0.60 20.78
N LEU A 107 23.43 1.21 20.19
CA LEU A 107 24.00 0.70 18.95
C LEU A 107 25.30 -0.07 19.22
N ALA A 108 25.91 -0.58 18.16
CA ALA A 108 27.07 -1.48 18.30
C ALA A 108 28.27 -0.81 18.95
N ASP A 109 28.32 0.53 18.91
CA ASP A 109 29.43 1.27 19.51
C ASP A 109 29.24 1.40 21.00
N GLY A 110 28.16 0.80 21.51
CA GLY A 110 27.87 0.85 22.93
C GLY A 110 27.16 2.11 23.39
N LYS A 111 27.01 3.09 22.50
CA LYS A 111 26.38 4.35 22.86
C LYS A 111 24.86 4.29 22.76
N TYR A 112 24.19 5.21 23.46
CA TYR A 112 22.73 5.27 23.50
C TYR A 112 22.21 6.37 22.60
N TYR A 113 21.37 5.98 21.65
CA TYR A 113 20.85 6.90 20.65
C TYR A 113 19.38 7.21 20.92
N MET A 114 19.11 8.47 21.22
CA MET A 114 17.75 8.93 21.46
C MET A 114 17.17 9.54 20.21
N TYR A 115 16.11 8.91 19.69
CA TYR A 115 15.36 9.45 18.59
C TYR A 115 14.29 10.38 19.15
N TYR A 116 14.58 11.68 19.10
CA TYR A 116 13.69 12.66 19.69
C TYR A 116 12.84 13.29 18.59
N ASN A 117 11.68 13.78 18.95
CA ASN A 117 10.79 14.39 18.00
C ASN A 117 9.90 15.43 18.68
N ALA A 118 9.48 16.43 17.92
CA ALA A 118 8.55 17.42 18.44
C ALA A 118 7.51 17.71 17.38
N CYS A 119 6.31 18.06 17.83
CA CYS A 119 5.19 18.32 16.92
C CYS A 119 4.38 19.49 17.46
N ARG A 120 3.92 20.35 16.56
CA ARG A 120 3.16 21.51 16.99
C ARG A 120 1.88 21.09 17.72
N GLY A 121 1.28 20.00 17.27
CA GLY A 121 0.16 19.42 18.02
C GLY A 121 -1.17 19.55 17.33
N ASP A 122 -1.35 20.59 16.53
CA ASP A 122 -2.61 20.82 15.84
C ASP A 122 -2.47 20.43 14.37
N SER A 123 -1.26 20.03 14.01
CA SER A 123 -0.90 19.65 12.64
C SER A 123 0.43 18.93 12.71
N PRO A 124 0.79 18.18 11.65
CA PRO A 124 2.04 17.39 11.65
C PRO A 124 3.26 18.26 11.34
N ARG A 125 3.36 19.42 11.99
CA ARG A 125 4.50 20.31 11.85
C ARG A 125 5.51 19.82 12.88
N SER A 126 6.41 18.98 12.39
CA SER A 126 7.24 18.15 13.27
C SER A 126 8.65 17.98 12.74
N ALA A 127 9.56 17.69 13.65
CA ALA A 127 10.93 17.36 13.29
C ALA A 127 11.34 16.17 14.11
N MET A 128 12.14 15.29 13.51
N MET A 128 12.11 15.29 13.53
CA MET A 128 12.74 14.18 14.24
CA MET A 128 12.76 14.20 14.21
C MET A 128 14.27 14.22 14.07
C MET A 128 14.29 14.24 14.07
N GLY A 129 14.98 13.98 15.16
CA GLY A 129 16.43 14.02 15.14
C GLY A 129 16.99 12.92 16.03
N VAL A 130 18.32 12.84 16.11
CA VAL A 130 18.94 11.89 17.00
C VAL A 130 19.99 12.58 17.87
N ALA A 131 20.04 12.16 19.13
CA ALA A 131 21.03 12.64 20.10
C ALA A 131 21.69 11.40 20.69
N VAL A 132 22.96 11.51 21.08
CA VAL A 132 23.73 10.37 21.54
C VAL A 132 24.38 10.62 22.90
N ALA A 133 24.36 9.59 23.74
CA ALA A 133 24.96 9.66 25.08
C ALA A 133 25.87 8.47 25.32
N ASP A 134 26.90 8.67 26.12
CA ASP A 134 27.74 7.58 26.57
C ASP A 134 27.01 6.76 27.66
N ASN A 135 26.20 7.41 28.44
CA ASN A 135 25.50 6.79 29.56
C ASN A 135 24.00 6.86 29.33
N ILE A 136 23.28 5.80 29.68
CA ILE A 136 21.84 5.78 29.48
C ILE A 136 21.12 6.99 30.10
N GLU A 137 21.62 7.48 31.23
CA GLU A 137 20.96 8.60 31.91
C GLU A 137 21.46 9.97 31.44
N GLY A 138 22.21 9.96 30.34
CA GLY A 138 22.64 11.19 29.70
C GLY A 138 24.04 11.58 30.15
N PRO A 139 24.52 12.74 29.68
CA PRO A 139 23.76 13.67 28.85
C PRO A 139 23.76 13.25 27.40
N TYR A 140 22.64 13.55 26.71
CA TYR A 140 22.51 13.24 25.30
C TYR A 140 22.88 14.45 24.45
N LYS A 141 23.73 14.22 23.45
CA LYS A 141 24.23 15.28 22.61
C LYS A 141 23.59 15.26 21.23
N ASN A 142 23.00 16.36 20.85
CA ASN A 142 22.34 16.45 19.60
C ASN A 142 23.26 16.18 18.42
N LYS A 143 22.84 15.33 17.50
CA LYS A 143 23.60 15.13 16.26
C LYS A 143 22.91 15.80 15.07
N GLY A 144 21.66 16.21 15.28
CA GLY A 144 20.91 16.92 14.26
C GLY A 144 19.58 16.30 13.87
N ILE A 145 18.74 17.14 13.25
CA ILE A 145 17.44 16.72 12.73
C ILE A 145 17.66 15.95 11.43
N PHE A 146 16.90 14.88 11.21
CA PHE A 146 16.98 14.14 9.93
C PHE A 146 15.67 13.94 9.17
N LEU A 147 14.55 14.30 9.80
CA LEU A 147 13.25 14.26 9.14
C LEU A 147 12.40 15.45 9.56
N LYS A 148 11.64 16.00 8.63
CA LYS A 148 10.63 17.01 8.95
C LYS A 148 9.32 16.68 8.26
N SER A 149 8.22 17.10 8.86
CA SER A 149 6.91 17.06 8.21
C SER A 149 6.20 18.39 8.40
N GLY A 150 5.15 18.64 7.68
CA GLY A 150 4.44 19.88 7.82
C GLY A 150 5.06 21.10 7.15
N MET A 151 6.00 20.89 6.26
CA MET A 151 6.55 21.99 5.52
C MET A 151 5.51 22.39 4.51
N GLU A 152 5.69 23.58 3.96
CA GLU A 152 4.77 24.06 2.99
C GLU A 152 5.10 23.59 1.61
N GLY A 153 6.31 23.23 1.34
CA GLY A 153 6.69 22.83 0.01
C GLY A 153 7.16 21.39 -0.09
N THR A 154 8.28 21.21 -0.77
CA THR A 154 8.87 19.89 -1.02
C THR A 154 9.16 19.15 0.29
N SER A 155 8.73 17.90 0.36
CA SER A 155 8.90 17.11 1.57
C SER A 155 10.19 16.31 1.53
N SER A 156 10.37 15.42 2.50
CA SER A 156 11.58 14.62 2.58
C SER A 156 11.69 13.65 1.41
N ASP A 157 10.57 13.34 0.75
CA ASP A 157 10.60 12.40 -0.36
C ASP A 157 10.65 13.08 -1.74
N GLY A 158 10.83 14.39 -1.74
CA GLY A 158 10.98 15.13 -2.99
C GLY A 158 9.67 15.56 -3.61
N THR A 159 8.55 15.13 -3.04
CA THR A 159 7.24 15.58 -3.48
C THR A 159 6.67 16.55 -2.46
N PRO A 160 5.73 17.42 -2.87
CA PRO A 160 5.12 18.37 -1.93
C PRO A 160 4.53 17.64 -0.74
N TYR A 161 4.76 18.16 0.46
CA TYR A 161 4.23 17.52 1.67
C TYR A 161 2.71 17.45 1.66
N ASP A 162 2.19 16.25 1.91
CA ASP A 162 0.76 15.98 1.88
C ASP A 162 0.40 15.00 3.00
N ALA A 163 -0.17 15.55 4.08
CA ALA A 163 -0.42 14.78 5.31
C ALA A 163 -1.38 13.60 5.15
N THR A 164 -2.05 13.55 4.02
N THR A 164 -2.08 13.54 4.03
CA THR A 164 -2.98 12.47 3.73
CA THR A 164 -2.99 12.43 3.79
C THR A 164 -2.23 11.19 3.31
C THR A 164 -2.21 11.17 3.35
N LYS A 165 -0.98 11.36 2.90
CA LYS A 165 -0.15 10.23 2.43
C LYS A 165 1.26 10.20 3.05
N HIS A 166 1.77 11.35 3.46
CA HIS A 166 3.07 11.45 4.14
C HIS A 166 2.89 11.35 5.65
N PRO A 167 3.93 10.86 6.37
CA PRO A 167 3.80 10.71 7.81
C PRO A 167 3.92 12.01 8.59
N ASN A 168 3.51 11.94 9.84
CA ASN A 168 3.96 12.87 10.85
C ASN A 168 5.22 12.24 11.40
N VAL A 169 6.34 12.97 11.39
CA VAL A 169 7.63 12.37 11.74
C VAL A 169 7.82 12.24 13.25
N VAL A 170 6.93 11.47 13.88
CA VAL A 170 6.96 11.25 15.32
C VAL A 170 6.84 9.75 15.64
N ASP A 171 6.87 9.41 16.92
CA ASP A 171 6.69 8.04 17.39
C ASP A 171 7.71 7.02 16.85
N PRO A 172 8.99 7.36 16.90
CA PRO A 172 10.01 6.41 16.48
C PRO A 172 10.09 5.10 17.31
N HIS A 173 10.48 4.03 16.63
CA HIS A 173 11.08 2.89 17.30
C HIS A 173 12.24 2.41 16.45
N THR A 174 13.45 2.58 16.97
CA THR A 174 14.63 2.15 16.25
C THR A 174 15.07 0.78 16.80
N PHE A 175 15.17 -0.22 15.93
CA PHE A 175 15.42 -1.60 16.36
C PHE A 175 16.27 -2.38 15.36
N PHE A 176 17.00 -3.36 15.89
CA PHE A 176 17.74 -4.31 15.07
C PHE A 176 16.85 -5.49 14.71
N ASP A 177 16.89 -5.92 13.45
CA ASP A 177 16.20 -7.16 13.10
C ASP A 177 17.06 -8.39 13.46
N LYS A 178 16.55 -9.58 13.21
CA LYS A 178 17.25 -10.80 13.63
C LYS A 178 18.60 -10.98 12.95
N ASP A 179 18.80 -10.30 11.82
CA ASP A 179 20.07 -10.39 11.09
C ASP A 179 21.06 -9.33 11.56
N GLY A 180 20.60 -8.43 12.43
CA GLY A 180 21.46 -7.36 12.91
C GLY A 180 21.40 -6.12 12.04
N LYS A 181 20.39 -6.04 11.16
CA LYS A 181 20.20 -4.85 10.35
C LYS A 181 19.37 -3.86 11.17
N LEU A 182 19.67 -2.57 11.03
CA LEU A 182 19.02 -1.54 11.84
C LEU A 182 17.90 -0.84 11.09
N TRP A 183 16.75 -0.69 11.75
CA TRP A 183 15.55 -0.11 11.16
C TRP A 183 14.96 0.90 12.12
N MET A 184 14.11 1.77 11.59
CA MET A 184 13.26 2.62 12.43
C MET A 184 11.86 2.71 11.85
N VAL A 185 10.88 2.33 12.66
CA VAL A 185 9.50 2.47 12.26
C VAL A 185 8.98 3.68 13.02
N TYR A 186 8.03 4.41 12.44
CA TYR A 186 7.52 5.62 13.09
C TYR A 186 6.21 6.03 12.44
N GLY A 187 5.61 7.09 12.97
CA GLY A 187 4.40 7.64 12.38
C GLY A 187 3.27 7.77 13.38
N SER A 188 2.42 8.78 13.15
CA SER A 188 1.23 9.00 13.96
C SER A 188 0.19 9.72 13.12
N TYR A 189 -0.98 9.13 13.00
CA TYR A 189 -2.04 9.68 12.19
C TYR A 189 -1.49 10.09 10.82
N SER A 190 -1.88 11.29 10.36
CA SER A 190 -1.49 11.72 9.01
C SER A 190 -1.48 10.59 7.97
N GLY A 191 -0.38 10.46 7.24
CA GLY A 191 -0.31 9.53 6.11
C GLY A 191 -0.03 8.07 6.47
N GLY A 192 0.18 7.82 7.76
CA GLY A 192 0.33 6.44 8.23
C GLY A 192 1.68 6.10 8.80
N ILE A 193 1.99 4.81 8.78
CA ILE A 193 3.18 4.27 9.46
C ILE A 193 4.23 3.85 8.43
N PHE A 194 5.49 4.25 8.67
CA PHE A 194 6.57 4.04 7.73
C PHE A 194 7.77 3.40 8.42
N ILE A 195 8.66 2.82 7.61
CA ILE A 195 9.89 2.24 8.13
C ILE A 195 11.08 2.60 7.25
N LEU A 196 12.19 2.91 7.90
CA LEU A 196 13.43 3.35 7.25
C LEU A 196 14.58 2.42 7.60
N GLU A 197 15.42 2.11 6.63
CA GLU A 197 16.66 1.45 6.94
C GLU A 197 17.60 2.47 7.56
N MET A 198 18.30 2.04 8.58
CA MET A 198 19.15 2.97 9.33
C MET A 198 20.63 2.59 9.21
N ASN A 199 21.50 3.59 9.40
CA ASN A 199 22.94 3.41 9.39
C ASN A 199 23.38 2.98 10.77
N PRO A 200 23.95 1.78 10.90
CA PRO A 200 24.29 1.19 12.19
C PRO A 200 25.45 1.91 12.86
N LYS A 201 26.16 2.74 12.10
CA LYS A 201 27.33 3.46 12.62
C LYS A 201 26.99 4.86 13.09
N THR A 202 26.09 5.53 12.36
CA THR A 202 25.80 6.93 12.65
C THR A 202 24.44 7.14 13.31
N GLY A 203 23.55 6.16 13.16
CA GLY A 203 22.20 6.25 13.69
C GLY A 203 21.22 7.00 12.79
N PHE A 204 21.71 7.59 11.70
CA PHE A 204 20.83 8.29 10.75
C PHE A 204 20.30 7.30 9.72
N PRO A 205 19.20 7.66 9.02
CA PRO A 205 18.73 6.79 7.95
C PRO A 205 19.78 6.69 6.84
N LEU A 206 19.81 5.56 6.14
CA LEU A 206 20.65 5.46 4.94
C LEU A 206 20.07 6.43 3.91
N PRO A 207 20.93 6.99 3.07
CA PRO A 207 20.53 8.05 2.13
C PRO A 207 19.52 7.57 1.10
N GLY A 208 18.67 8.49 0.64
CA GLY A 208 17.87 8.27 -0.55
C GLY A 208 16.55 7.53 -0.39
N GLN A 209 16.00 7.51 0.83
CA GLN A 209 14.76 6.82 1.12
C GLN A 209 13.51 7.69 1.26
N GLY A 210 13.69 8.99 1.37
CA GLY A 210 12.56 9.87 1.61
C GLY A 210 12.00 9.55 2.98
N TYR A 211 10.69 9.31 3.06
CA TYR A 211 10.08 8.92 4.32
C TYR A 211 10.18 7.43 4.58
N GLY A 212 10.70 6.67 3.61
CA GLY A 212 10.80 5.24 3.76
C GLY A 212 9.63 4.48 3.17
N LYS A 213 9.50 3.21 3.56
CA LYS A 213 8.47 2.34 3.01
C LYS A 213 7.23 2.40 3.88
N LYS A 214 6.07 2.54 3.24
CA LYS A 214 4.81 2.60 3.97
C LYS A 214 4.37 1.20 4.40
N LEU A 215 3.99 1.07 5.67
CA LEU A 215 3.53 -0.23 6.16
C LEU A 215 2.01 -0.29 6.23
N LEU A 216 1.40 0.85 6.44
CA LEU A 216 -0.04 0.95 6.55
C LEU A 216 -0.48 2.39 6.74
N GLY A 217 -1.79 2.65 6.67
CA GLY A 217 -2.32 3.95 7.04
C GLY A 217 -2.67 4.87 5.88
N GLY A 218 -3.14 6.06 6.23
CA GLY A 218 -3.50 7.07 5.25
C GLY A 218 -4.76 7.83 5.65
N ASN A 219 -4.89 9.06 5.14
CA ASN A 219 -6.08 9.87 5.39
C ASN A 219 -6.36 10.10 6.87
N HIS A 220 -5.30 10.36 7.64
CA HIS A 220 -5.51 10.75 9.02
C HIS A 220 -6.25 9.66 9.81
N SER A 221 -5.80 8.42 9.67
CA SER A 221 -6.29 7.31 10.51
C SER A 221 -5.79 7.50 11.93
N ARG A 222 -6.59 7.09 12.90
CA ARG A 222 -6.14 7.19 14.28
C ARG A 222 -5.30 5.97 14.65
N ILE A 223 -4.09 5.95 14.12
CA ILE A 223 -3.14 4.87 14.35
C ILE A 223 -1.78 5.50 14.55
N GLU A 224 -1.11 5.14 15.64
CA GLU A 224 0.17 5.75 15.97
C GLU A 224 0.98 4.83 16.86
N GLY A 225 2.17 5.29 17.27
CA GLY A 225 3.01 4.57 18.20
C GLY A 225 3.50 3.18 17.80
N PRO A 226 3.93 2.99 16.59
CA PRO A 226 4.34 1.64 16.18
C PRO A 226 5.52 1.14 16.98
N TYR A 227 5.58 -0.16 17.15
CA TYR A 227 6.69 -0.79 17.87
C TYR A 227 6.87 -2.21 17.36
N VAL A 228 8.11 -2.58 17.04
CA VAL A 228 8.35 -3.91 16.45
C VAL A 228 9.13 -4.82 17.38
N LEU A 229 8.58 -6.00 17.64
CA LEU A 229 9.27 -6.99 18.46
C LEU A 229 9.35 -8.32 17.73
N TYR A 230 10.56 -8.85 17.58
CA TYR A 230 10.77 -10.18 16.98
C TYR A 230 10.59 -11.26 17.99
N ASN A 231 10.01 -12.36 17.58
CA ASN A 231 9.94 -13.53 18.42
C ASN A 231 10.60 -14.74 17.74
N PRO A 232 11.74 -15.17 18.27
CA PRO A 232 12.54 -16.25 17.71
C PRO A 232 11.80 -17.59 17.71
N ASP A 233 10.93 -17.80 18.70
CA ASP A 233 10.18 -18.99 18.79
C ASP A 233 9.17 -19.09 17.65
N THR A 234 8.49 -18.00 17.31
CA THR A 234 7.51 -18.06 16.24
C THR A 234 8.02 -17.68 14.88
N GLN A 235 9.16 -17.02 14.87
CA GLN A 235 9.82 -16.53 13.70
C GLN A 235 9.07 -15.43 12.92
N TYR A 236 8.37 -14.57 13.65
CA TYR A 236 7.68 -13.43 13.11
C TYR A 236 8.12 -12.15 13.79
N TYR A 237 8.00 -11.09 13.04
CA TYR A 237 8.08 -9.74 13.61
C TYR A 237 6.66 -9.30 13.96
N TYR A 238 6.49 -8.75 15.16
CA TYR A 238 5.19 -8.27 15.62
C TYR A 238 5.21 -6.75 15.65
N LEU A 239 4.33 -6.14 14.86
CA LEU A 239 4.19 -4.70 14.81
C LEU A 239 3.02 -4.31 15.69
N TYR A 240 3.35 -3.73 16.83
CA TYR A 240 2.35 -3.23 17.77
C TYR A 240 1.94 -1.83 17.35
N LEU A 241 0.65 -1.51 17.54
CA LEU A 241 0.12 -0.21 17.15
C LEU A 241 -0.91 0.27 18.17
N SER A 242 -1.10 1.58 18.23
CA SER A 242 -2.17 2.15 19.04
C SER A 242 -3.26 2.72 18.12
N TYR A 243 -4.47 2.20 18.29
CA TYR A 243 -5.66 2.69 17.56
C TYR A 243 -6.48 3.62 18.45
N GLY A 244 -7.07 4.63 17.85
CA GLY A 244 -7.94 5.56 18.57
C GLY A 244 -7.19 6.75 19.15
N GLY A 245 -7.85 7.48 20.05
CA GLY A 245 -7.30 8.66 20.70
C GLY A 245 -6.82 8.32 22.09
N LEU A 246 -5.75 8.96 22.49
CA LEU A 246 -5.11 8.68 23.77
C LEU A 246 -5.92 9.08 25.00
N ASP A 247 -6.82 10.01 24.83
CA ASP A 247 -7.56 10.57 25.92
C ASP A 247 -8.60 9.60 26.49
N ALA A 248 -9.23 10.06 27.58
CA ALA A 248 -10.16 9.23 28.30
C ALA A 248 -11.34 8.84 27.45
N THR A 249 -11.70 9.65 26.48
CA THR A 249 -12.83 9.37 25.63
C THR A 249 -12.44 8.90 24.23
N GLY A 250 -11.18 8.57 24.08
CA GLY A 250 -10.60 8.38 22.76
C GLY A 250 -10.62 6.96 22.22
N GLY A 251 -10.86 5.99 23.06
CA GLY A 251 -10.92 4.61 22.66
C GLY A 251 -9.55 3.96 22.40
N TYR A 252 -8.50 4.54 22.90
CA TYR A 252 -7.17 3.99 22.67
C TYR A 252 -7.15 2.53 22.97
N ASN A 253 -6.58 1.74 22.10
CA ASN A 253 -6.37 0.33 22.31
C ASN A 253 -5.12 -0.21 21.62
N ILE A 254 -4.53 -1.25 22.23
CA ILE A 254 -3.31 -1.83 21.70
C ILE A 254 -3.62 -2.92 20.67
N ARG A 255 -3.06 -2.79 19.47
CA ARG A 255 -3.24 -3.81 18.44
C ARG A 255 -1.92 -4.36 17.97
N VAL A 256 -1.96 -5.47 17.25
CA VAL A 256 -0.73 -6.09 16.74
C VAL A 256 -0.99 -6.73 15.38
N ALA A 257 0.05 -6.76 14.54
CA ALA A 257 0.05 -7.51 13.29
C ALA A 257 1.42 -8.14 13.15
N ARG A 258 1.63 -8.99 12.14
CA ARG A 258 2.90 -9.70 12.07
C ARG A 258 3.40 -9.89 10.63
N SER A 259 4.70 -10.11 10.49
CA SER A 259 5.32 -10.33 9.20
C SER A 259 6.58 -11.18 9.35
N LYS A 260 6.91 -11.93 8.31
CA LYS A 260 8.18 -12.67 8.31
C LYS A 260 9.36 -11.72 8.18
N LYS A 261 9.12 -10.52 7.66
CA LYS A 261 10.17 -9.52 7.48
C LYS A 261 9.88 -8.26 8.27
N PRO A 262 10.94 -7.56 8.71
CA PRO A 262 10.76 -6.34 9.51
C PRO A 262 10.01 -5.23 8.76
N ASP A 263 10.20 -5.17 7.44
CA ASP A 263 9.55 -4.15 6.63
C ASP A 263 8.28 -4.64 5.93
N GLY A 264 7.69 -5.70 6.46
CA GLY A 264 6.40 -6.17 5.97
C GLY A 264 6.53 -7.11 4.78
N PRO A 265 5.39 -7.43 4.13
CA PRO A 265 4.07 -6.89 4.48
C PRO A 265 3.54 -7.48 5.77
N TYR A 266 2.84 -6.64 6.53
CA TYR A 266 2.25 -7.09 7.77
C TYR A 266 0.80 -7.51 7.55
N TYR A 267 0.37 -8.52 8.32
CA TYR A 267 -0.98 -9.04 8.26
C TYR A 267 -1.52 -9.26 9.65
N ASP A 268 -2.85 -9.19 9.79
CA ASP A 268 -3.50 -9.57 11.03
C ASP A 268 -3.92 -11.05 11.04
N ALA A 269 -4.60 -11.48 12.08
CA ALA A 269 -4.91 -12.87 12.30
C ALA A 269 -5.88 -13.50 11.24
N GLU A 270 -6.67 -12.65 10.61
CA GLU A 270 -7.55 -13.06 9.54
C GLU A 270 -6.86 -13.04 8.18
N GLY A 271 -5.58 -12.73 8.12
CA GLY A 271 -4.92 -12.51 6.85
C GLY A 271 -5.16 -11.17 6.13
N ASN A 272 -5.83 -10.25 6.76
CA ASN A 272 -5.94 -8.91 6.19
C ASN A 272 -4.57 -8.25 6.07
N PRO A 273 -4.23 -7.73 4.87
CA PRO A 273 -2.99 -6.96 4.68
C PRO A 273 -3.10 -5.60 5.37
N MET A 274 -2.21 -5.29 6.28
CA MET A 274 -2.28 -4.00 6.98
C MET A 274 -2.05 -2.83 6.04
N LEU A 275 -1.40 -3.09 4.93
CA LEU A 275 -1.21 -2.03 3.96
C LEU A 275 -2.53 -1.40 3.47
N ASP A 276 -3.57 -2.21 3.42
CA ASP A 276 -4.87 -1.76 2.99
C ASP A 276 -5.55 -0.79 3.96
N VAL A 277 -5.09 -0.77 5.21
N VAL A 277 -5.11 -0.78 5.20
CA VAL A 277 -5.76 0.02 6.25
CA VAL A 277 -5.80 -0.01 6.24
C VAL A 277 -5.61 1.51 6.05
C VAL A 277 -5.62 1.50 6.07
N ARG A 278 -6.74 2.21 5.99
CA ARG A 278 -6.75 3.66 5.90
C ARG A 278 -8.15 4.21 6.10
N GLY A 279 -8.25 5.49 6.44
CA GLY A 279 -9.55 6.14 6.43
C GLY A 279 -9.98 6.33 4.98
N LYS A 280 -11.27 6.58 4.77
CA LYS A 280 -11.78 6.87 3.44
C LYS A 280 -11.20 8.19 2.92
N GLY A 281 -10.88 8.23 1.63
CA GLY A 281 -10.41 9.45 1.02
C GLY A 281 -11.32 10.59 1.42
N GLY A 282 -10.73 11.75 1.71
CA GLY A 282 -11.50 12.94 2.00
C GLY A 282 -12.06 13.01 3.41
N THR A 283 -11.77 12.00 4.22
CA THR A 283 -12.18 12.03 5.62
C THR A 283 -10.99 12.18 6.55
N PHE A 284 -11.28 12.49 7.82
CA PHE A 284 -10.30 12.50 8.91
C PHE A 284 -10.79 11.62 10.07
N PHE A 285 -9.87 10.93 10.72
CA PHE A 285 -10.18 10.14 11.91
C PHE A 285 -11.34 9.17 11.66
N ASP A 286 -11.31 8.48 10.52
CA ASP A 286 -12.33 7.52 10.16
C ASP A 286 -12.10 6.18 10.90
N ASP A 287 -12.62 6.08 12.13
CA ASP A 287 -12.40 4.88 12.94
C ASP A 287 -13.09 3.66 12.34
N ARG A 288 -14.27 3.86 11.77
N ARG A 288 -14.28 3.86 11.80
CA ARG A 288 -15.06 2.75 11.21
CA ARG A 288 -15.05 2.78 11.19
C ARG A 288 -14.32 1.96 10.13
C ARG A 288 -14.23 1.96 10.20
N SER A 289 -13.56 2.63 9.29
CA SER A 289 -12.84 1.96 8.21
C SER A 289 -11.64 1.17 8.71
N ILE A 290 -11.07 1.57 9.83
CA ILE A 290 -9.90 0.89 10.32
C ILE A 290 -10.16 -0.18 11.40
N GLU A 291 -11.26 -0.07 12.13
CA GLU A 291 -11.63 -1.03 13.15
C GLU A 291 -11.45 -2.53 12.79
N PRO A 292 -11.79 -2.91 11.57
CA PRO A 292 -11.76 -4.33 11.20
C PRO A 292 -10.37 -4.88 11.15
N TYR A 293 -9.35 -4.04 11.13
CA TYR A 293 -8.00 -4.51 10.85
C TYR A 293 -7.11 -4.57 12.09
N GLY A 294 -6.32 -5.64 12.19
CA GLY A 294 -5.35 -5.80 13.26
C GLY A 294 -5.88 -6.68 14.39
N VAL A 295 -4.98 -7.30 15.12
CA VAL A 295 -5.38 -8.04 16.31
C VAL A 295 -5.49 -7.05 17.48
N LYS A 296 -6.62 -7.08 18.20
CA LYS A 296 -6.81 -6.19 19.35
C LYS A 296 -6.47 -6.91 20.64
N LEU A 297 -5.41 -6.47 21.32
CA LEU A 297 -4.94 -7.14 22.53
C LEU A 297 -5.57 -6.59 23.81
N MET A 298 -5.88 -5.30 23.83
CA MET A 298 -6.35 -4.68 25.06
C MET A 298 -6.98 -3.32 24.80
N GLY A 299 -8.15 -3.09 25.39
CA GLY A 299 -8.80 -1.79 25.37
C GLY A 299 -9.30 -1.47 26.76
N SER A 300 -10.17 -0.46 26.88
CA SER A 300 -10.68 -0.09 28.20
C SER A 300 -11.51 -1.23 28.81
N TYR A 301 -11.36 -1.44 30.12
CA TYR A 301 -12.07 -2.52 30.79
C TYR A 301 -12.09 -2.25 32.28
N THR A 302 -13.00 -2.93 32.96
CA THR A 302 -12.91 -3.01 34.40
C THR A 302 -13.42 -4.36 34.87
N PHE A 303 -12.73 -4.95 35.84
CA PHE A 303 -13.20 -6.15 36.53
C PHE A 303 -14.05 -5.76 37.73
N GLU A 304 -14.11 -4.46 37.99
CA GLU A 304 -14.86 -3.96 39.14
C GLU A 304 -16.34 -4.17 38.93
N THR A 305 -17.03 -4.51 40.01
CA THR A 305 -18.45 -4.80 39.96
C THR A 305 -19.06 -4.19 41.23
N GLU A 306 -20.37 -4.07 41.27
CA GLU A 306 -21.04 -3.50 42.45
C GLU A 306 -20.59 -4.17 43.75
N ASN A 307 -20.42 -5.49 43.68
CA ASN A 307 -20.09 -6.29 44.86
C ASN A 307 -18.60 -6.32 45.23
N GLU A 308 -17.72 -6.23 44.24
CA GLU A 308 -16.29 -6.33 44.53
C GLU A 308 -15.41 -5.41 43.68
N LYS A 309 -14.31 -4.98 44.30
CA LYS A 309 -13.32 -4.14 43.64
C LYS A 309 -12.64 -4.94 42.53
N GLY A 310 -11.99 -4.25 41.61
CA GLY A 310 -11.27 -4.92 40.53
C GLY A 310 -10.32 -3.97 39.83
N THR A 311 -9.39 -4.52 39.07
CA THR A 311 -8.50 -3.69 38.29
C THR A 311 -9.30 -3.13 37.12
N GLY A 312 -8.77 -2.09 36.47
CA GLY A 312 -9.49 -1.47 35.37
C GLY A 312 -8.66 -0.38 34.71
N TYR A 313 -8.66 -0.36 33.37
CA TYR A 313 -7.89 0.63 32.61
C TYR A 313 -8.79 1.37 31.65
N VAL A 314 -8.39 2.60 31.33
CA VAL A 314 -9.03 3.39 30.30
C VAL A 314 -7.94 3.76 29.30
N SER A 315 -8.22 3.54 28.01
CA SER A 315 -7.27 3.93 26.97
C SER A 315 -5.82 3.46 27.19
N PRO A 316 -5.62 2.16 27.43
CA PRO A 316 -4.24 1.64 27.48
C PRO A 316 -3.61 1.72 26.08
N GLY A 317 -2.35 2.11 25.97
CA GLY A 317 -1.73 2.23 24.66
C GLY A 317 -0.34 2.83 24.63
N ALA A 318 0.13 3.24 23.48
CA ALA A 318 1.46 3.75 23.30
C ALA A 318 2.56 2.82 23.81
N ASN A 319 2.42 1.54 23.48
CA ASN A 319 3.20 0.47 24.03
C ASN A 319 4.57 0.25 23.38
N SER A 320 5.44 -0.33 24.16
CA SER A 320 6.64 -0.94 23.73
C SER A 320 6.57 -2.40 24.17
N ALA A 321 7.59 -3.14 23.81
CA ALA A 321 7.58 -4.54 24.16
C ALA A 321 9.00 -5.03 24.32
N TYR A 322 9.17 -6.05 25.15
CA TYR A 322 10.47 -6.59 25.47
C TYR A 322 10.48 -8.10 25.36
N TYR A 323 11.52 -8.62 24.73
CA TYR A 323 11.72 -10.06 24.70
C TYR A 323 12.99 -10.42 25.47
N ASP A 324 12.83 -11.26 26.49
CA ASP A 324 13.97 -11.66 27.31
C ASP A 324 14.60 -12.93 26.73
N GLU A 325 15.79 -12.80 26.15
CA GLU A 325 16.44 -13.93 25.46
C GLU A 325 16.85 -15.05 26.42
N LYS A 326 17.07 -14.70 27.68
CA LYS A 326 17.46 -15.69 28.68
C LYS A 326 16.31 -16.59 29.10
N THR A 327 15.08 -16.09 29.07
CA THR A 327 13.96 -16.87 29.59
C THR A 327 12.91 -17.17 28.53
N GLY A 328 12.98 -16.47 27.43
CA GLY A 328 12.00 -16.56 26.40
C GLY A 328 10.68 -15.90 26.70
N ARG A 329 10.64 -15.13 27.78
CA ARG A 329 9.46 -14.39 28.17
C ARG A 329 9.36 -13.06 27.45
N SER A 330 8.15 -12.60 27.17
CA SER A 330 7.87 -11.32 26.53
C SER A 330 6.97 -10.47 27.43
N TYR A 331 7.10 -9.19 27.29
CA TYR A 331 6.35 -8.24 28.09
C TYR A 331 5.85 -7.09 27.26
N LEU A 332 4.66 -6.62 27.62
CA LEU A 332 4.06 -5.46 27.02
C LEU A 332 4.23 -4.30 28.01
N ILE A 333 4.82 -3.20 27.55
CA ILE A 333 5.03 -2.01 28.38
C ILE A 333 4.24 -0.83 27.78
N PHE A 334 3.42 -0.18 28.57
CA PHE A 334 2.52 0.82 28.07
C PHE A 334 2.13 1.85 29.12
N HIS A 335 1.44 2.89 28.72
CA HIS A 335 0.79 3.76 29.68
C HIS A 335 -0.70 3.52 29.62
N THR A 336 -1.38 3.86 30.70
CA THR A 336 -2.79 3.79 30.66
C THR A 336 -3.41 4.86 31.56
N ARG A 337 -4.65 5.22 31.25
CA ARG A 337 -5.50 5.98 32.15
C ARG A 337 -6.38 4.97 32.90
N PHE A 338 -7.25 5.46 33.79
CA PHE A 338 -7.98 4.57 34.67
C PHE A 338 -9.42 5.06 34.82
N PRO A 339 -10.35 4.12 35.03
CA PRO A 339 -11.71 4.56 35.29
C PRO A 339 -11.72 5.54 36.45
N GLY A 340 -12.33 6.71 36.25
CA GLY A 340 -12.56 7.64 37.34
C GLY A 340 -11.34 8.45 37.72
N ARG A 341 -10.28 8.38 36.91
CA ARG A 341 -9.08 9.16 37.21
C ARG A 341 -8.76 10.16 36.10
N GLY A 342 -9.76 10.43 35.26
CA GLY A 342 -9.63 11.42 34.23
C GLY A 342 -8.44 11.16 33.32
N GLU A 343 -7.56 12.11 33.19
CA GLU A 343 -6.42 12.00 32.34
C GLU A 343 -5.11 11.55 33.06
N GLU A 344 -5.24 11.13 34.30
CA GLU A 344 -4.10 10.59 35.00
C GLU A 344 -3.63 9.29 34.32
N HIS A 345 -2.32 9.16 34.22
CA HIS A 345 -1.72 8.01 33.58
C HIS A 345 -0.51 7.45 34.34
N GLU A 346 -0.29 6.16 34.20
CA GLU A 346 0.84 5.50 34.78
C GLU A 346 1.32 4.42 33.82
N VAL A 347 2.57 4.06 33.99
CA VAL A 347 3.18 2.95 33.26
C VAL A 347 2.62 1.63 33.78
N ARG A 348 2.32 0.73 32.84
CA ARG A 348 1.97 -0.64 33.19
C ARG A 348 2.83 -1.63 32.40
N VAL A 349 3.00 -2.81 32.97
CA VAL A 349 3.70 -3.92 32.33
C VAL A 349 2.81 -5.16 32.45
N HIS A 350 2.50 -5.80 31.35
CA HIS A 350 1.79 -7.07 31.34
C HIS A 350 2.59 -8.11 30.56
N GLN A 351 2.76 -9.27 31.14
CA GLN A 351 3.46 -10.33 30.42
C GLN A 351 2.66 -10.75 29.18
N LEU A 352 3.38 -11.14 28.14
CA LEU A 352 2.77 -11.63 26.90
C LEU A 352 3.10 -13.11 26.71
N PHE A 353 2.14 -13.85 26.16
CA PHE A 353 2.33 -15.28 25.89
C PHE A 353 1.90 -15.59 24.45
N MET A 354 2.70 -16.40 23.76
CA MET A 354 2.35 -16.72 22.38
C MET A 354 1.40 -17.92 22.35
N ASN A 355 0.28 -17.77 21.67
CA ASN A 355 -0.68 -18.87 21.56
C ASN A 355 -0.27 -19.89 20.50
N LYS A 356 -1.10 -20.89 20.27
CA LYS A 356 -0.73 -21.99 19.37
C LYS A 356 -0.62 -21.54 17.93
N ASP A 357 -1.27 -20.42 17.62
CA ASP A 357 -1.28 -19.87 16.27
C ASP A 357 -0.22 -18.78 16.07
N GLY A 358 0.63 -18.59 17.07
CA GLY A 358 1.72 -17.63 16.98
C GLY A 358 1.29 -16.19 17.15
N TRP A 359 0.22 -15.96 17.91
CA TRP A 359 -0.23 -14.59 18.23
C TRP A 359 -0.17 -14.41 19.74
N PRO A 360 0.25 -13.21 20.19
CA PRO A 360 0.43 -12.99 21.62
C PRO A 360 -0.91 -12.73 22.30
N VAL A 361 -1.03 -13.19 23.55
CA VAL A 361 -2.10 -12.78 24.43
C VAL A 361 -1.49 -12.12 25.67
N ALA A 362 -2.16 -11.11 26.20
CA ALA A 362 -1.66 -10.38 27.37
C ALA A 362 -2.22 -10.99 28.64
N ALA A 363 -1.40 -11.10 29.68
CA ALA A 363 -1.90 -11.46 31.00
C ALA A 363 -2.96 -10.42 31.39
N PRO A 364 -4.08 -10.86 31.98
CA PRO A 364 -5.14 -9.91 32.40
C PRO A 364 -4.69 -8.99 33.53
N TYR A 365 -3.72 -9.41 34.32
CA TYR A 365 -3.23 -8.57 35.42
C TYR A 365 -1.77 -8.20 35.21
N ARG A 366 -1.40 -7.05 35.76
CA ARG A 366 -0.06 -6.50 35.61
C ARG A 366 1.00 -7.46 36.16
N TYR A 367 2.19 -7.40 35.58
CA TYR A 367 3.26 -8.33 35.92
C TYR A 367 3.66 -8.25 37.40
N ALA A 368 3.70 -9.40 38.06
CA ALA A 368 4.06 -9.43 39.48
C ALA A 368 5.01 -10.59 39.80
N GLY A 369 5.70 -11.13 38.83
CA GLY A 369 6.63 -12.21 39.04
C GLY A 369 6.11 -13.56 38.62
N GLU A 370 4.85 -13.61 38.25
CA GLU A 370 4.24 -14.80 37.68
C GLU A 370 4.97 -15.37 36.47
N THR A 371 4.86 -16.68 36.34
CA THR A 371 5.38 -17.41 35.23
C THR A 371 4.37 -18.49 34.80
N LEU A 372 4.42 -18.85 33.54
CA LEU A 372 3.61 -19.95 33.08
C LEU A 372 4.03 -21.21 33.86
N LYS A 373 3.07 -21.92 34.39
CA LYS A 373 3.35 -23.14 35.09
C LYS A 373 2.40 -24.23 34.64
N GLU A 374 2.60 -25.41 35.19
CA GLU A 374 1.62 -26.47 34.98
C GLU A 374 0.34 -26.09 35.72
N VAL A 375 -0.80 -26.22 35.04
CA VAL A 375 -2.07 -25.93 35.66
C VAL A 375 -2.87 -27.23 35.75
N LYS A 376 -3.53 -27.43 36.89
CA LYS A 376 -4.35 -28.62 37.11
C LYS A 376 -5.79 -28.32 36.74
N GLN A 377 -6.52 -29.28 36.24
CA GLN A 377 -7.92 -29.07 35.97
C GLN A 377 -8.76 -28.67 37.15
N LYS A 378 -8.45 -29.21 38.29
CA LYS A 378 -9.25 -28.87 39.46
C LYS A 378 -9.10 -27.39 39.80
N ASP A 379 -8.01 -26.78 39.36
CA ASP A 379 -7.76 -25.37 39.65
C ASP A 379 -8.36 -24.46 38.59
N ILE A 380 -8.91 -25.07 37.54
CA ILE A 380 -9.50 -24.30 36.44
C ILE A 380 -11.02 -24.16 36.55
N THR A 381 -11.69 -25.21 37.01
CA THR A 381 -13.14 -25.22 37.04
C THR A 381 -13.65 -24.23 38.07
N GLY A 382 -14.78 -23.61 37.77
CA GLY A 382 -15.36 -22.63 38.66
C GLY A 382 -15.96 -21.45 37.91
N THR A 383 -16.24 -20.38 38.65
CA THR A 383 -16.89 -19.21 38.09
C THR A 383 -15.85 -18.14 37.73
N TYR A 384 -16.01 -17.53 36.56
CA TYR A 384 -15.09 -16.49 36.09
C TYR A 384 -15.81 -15.21 35.72
N LYS A 385 -15.17 -14.09 36.01
CA LYS A 385 -15.55 -12.82 35.43
C LYS A 385 -14.87 -12.75 34.08
N LEU A 386 -15.62 -12.39 33.05
CA LEU A 386 -15.12 -12.44 31.69
C LEU A 386 -15.13 -11.05 31.08
N ILE A 387 -14.00 -10.65 30.48
CA ILE A 387 -13.91 -9.41 29.73
C ILE A 387 -13.70 -9.74 28.26
N GLN A 388 -14.48 -9.10 27.40
CA GLN A 388 -14.30 -9.27 25.96
C GLN A 388 -13.88 -7.95 25.33
N HIS A 389 -12.64 -7.88 24.87
CA HIS A 389 -12.07 -6.63 24.37
C HIS A 389 -12.64 -6.27 22.99
N GLY A 390 -13.17 -7.25 22.30
CA GLY A 390 -13.80 -7.03 21.02
C GLY A 390 -12.85 -6.60 19.93
N LYS A 391 -13.41 -5.89 18.97
CA LYS A 391 -12.70 -5.46 17.79
C LYS A 391 -12.88 -3.96 17.44
N ASP A 392 -13.58 -3.24 18.30
CA ASP A 392 -13.90 -1.87 18.03
C ASP A 392 -12.85 -0.86 18.53
N ILE A 393 -13.01 0.38 18.11
CA ILE A 393 -12.42 1.54 18.78
C ILE A 393 -13.56 2.19 19.53
N SER A 394 -13.52 2.11 20.86
CA SER A 394 -14.65 2.56 21.67
C SER A 394 -14.20 3.13 23.00
N ALA A 395 -14.85 4.21 23.42
CA ALA A 395 -14.59 4.77 24.74
C ALA A 395 -15.34 4.00 25.83
N ASP A 396 -16.17 3.04 25.43
CA ASP A 396 -16.92 2.22 26.39
C ASP A 396 -15.96 1.41 27.25
N ILE A 397 -16.10 1.52 28.56
CA ILE A 397 -15.29 0.68 29.44
C ILE A 397 -15.95 -0.70 29.48
N LYS A 398 -15.28 -1.68 28.87
CA LYS A 398 -15.82 -3.04 28.81
C LYS A 398 -16.02 -3.59 30.22
N GLN A 399 -17.19 -4.19 30.45
CA GLN A 399 -17.54 -4.69 31.76
C GLN A 399 -17.63 -6.22 31.73
N THR A 400 -17.69 -6.82 32.91
CA THR A 400 -17.67 -8.27 32.99
C THR A 400 -19.05 -8.92 32.87
N ILE A 401 -19.04 -10.18 32.44
CA ILE A 401 -20.18 -11.06 32.61
C ILE A 401 -19.66 -12.32 33.29
N ASN A 402 -20.56 -13.09 33.89
CA ASN A 402 -20.16 -14.28 34.63
C ASN A 402 -20.40 -15.57 33.85
N ILE A 403 -19.36 -16.37 33.73
CA ILE A 403 -19.48 -17.71 33.18
C ILE A 403 -18.92 -18.72 34.15
N GLN A 404 -19.20 -20.00 33.92
CA GLN A 404 -18.61 -21.05 34.71
C GLN A 404 -17.98 -22.09 33.78
N LEU A 405 -16.76 -22.48 34.12
CA LEU A 405 -16.08 -23.58 33.44
C LEU A 405 -16.38 -24.83 34.26
N ASN A 406 -17.16 -25.74 33.69
CA ASN A 406 -17.64 -26.91 34.43
C ASN A 406 -16.71 -28.12 34.31
N LYS A 407 -16.88 -29.07 35.21
CA LYS A 407 -16.05 -30.27 35.23
C LYS A 407 -16.17 -31.03 33.91
N ASN A 408 -17.36 -31.03 33.31
CA ASN A 408 -17.60 -31.78 32.08
C ASN A 408 -17.12 -31.06 30.82
N HIS A 409 -16.37 -29.98 31.02
CA HIS A 409 -15.72 -29.26 29.93
C HIS A 409 -16.66 -28.37 29.13
N THR A 410 -17.84 -28.10 29.68
CA THR A 410 -18.74 -27.13 29.10
C THR A 410 -18.53 -25.76 29.76
N ILE A 411 -18.96 -24.70 29.09
CA ILE A 411 -19.03 -23.40 29.71
C ILE A 411 -20.50 -22.97 29.72
N SER A 412 -20.96 -22.50 30.87
CA SER A 412 -22.34 -22.03 31.01
C SER A 412 -22.36 -20.72 31.78
N GLY A 413 -23.56 -20.18 31.99
CA GLY A 413 -23.73 -18.89 32.61
C GLY A 413 -24.16 -17.88 31.57
N GLU A 414 -23.61 -16.68 31.63
CA GLU A 414 -23.96 -15.60 30.68
C GLU A 414 -23.48 -15.80 29.27
N MET A 415 -22.70 -16.84 29.06
CA MET A 415 -22.33 -17.28 27.73
C MET A 415 -22.21 -18.79 27.81
N THR A 416 -22.19 -19.45 26.67
CA THR A 416 -21.97 -20.89 26.64
C THR A 416 -20.85 -21.26 25.69
N GLY A 417 -20.31 -22.47 25.87
CA GLY A 417 -19.28 -22.98 25.00
C GLY A 417 -18.58 -24.15 25.67
N THR A 418 -17.28 -24.26 25.44
CA THR A 418 -16.51 -25.37 25.97
C THR A 418 -15.13 -24.90 26.36
N TRP A 419 -14.45 -25.67 27.21
CA TRP A 419 -13.07 -25.39 27.52
C TRP A 419 -12.27 -26.69 27.56
N ARG A 420 -11.02 -26.60 27.16
CA ARG A 420 -10.11 -27.73 27.22
C ARG A 420 -8.74 -27.19 27.57
N LYS A 421 -7.93 -27.96 28.27
CA LYS A 421 -6.54 -27.64 28.51
C LYS A 421 -5.66 -28.56 27.68
N THR A 422 -4.67 -27.96 27.07
CA THR A 422 -3.72 -28.69 26.26
C THR A 422 -2.34 -28.57 26.90
N GLY A 423 -1.63 -29.67 26.98
CA GLY A 423 -0.32 -29.60 27.53
C GLY A 423 -0.35 -29.06 28.93
N LYS A 424 0.64 -28.25 29.25
CA LYS A 424 0.83 -27.74 30.59
C LYS A 424 -0.18 -26.68 31.00
N ASN A 425 -0.51 -25.78 30.10
CA ASN A 425 -1.26 -24.59 30.43
C ASN A 425 -1.92 -23.94 29.26
N THR A 426 -2.03 -24.66 28.13
CA THR A 426 -2.65 -24.07 26.97
C THR A 426 -4.17 -24.09 27.10
N ALA A 427 -4.79 -22.93 26.89
CA ALA A 427 -6.24 -22.78 26.96
C ALA A 427 -6.86 -22.88 25.58
N ASP A 428 -7.74 -23.84 25.42
CA ASP A 428 -8.50 -24.07 24.21
C ASP A 428 -9.97 -23.86 24.55
N ILE A 429 -10.49 -22.72 24.19
CA ILE A 429 -11.78 -22.28 24.68
C ILE A 429 -12.72 -21.91 23.56
N THR A 430 -13.91 -22.50 23.58
CA THR A 430 -14.93 -22.05 22.63
C THR A 430 -15.98 -21.25 23.38
N LEU A 431 -16.31 -20.08 22.84
CA LEU A 431 -17.33 -19.23 23.45
C LEU A 431 -18.28 -18.74 22.36
N ALA A 432 -19.57 -18.96 22.58
CA ALA A 432 -20.59 -18.56 21.60
C ALA A 432 -20.14 -18.85 20.18
N GLY A 433 -19.70 -20.07 19.94
CA GLY A 433 -19.41 -20.54 18.59
C GLY A 433 -18.11 -20.05 17.98
N LYS A 434 -17.32 -19.32 18.76
CA LYS A 434 -16.02 -18.89 18.31
C LYS A 434 -14.90 -19.57 19.07
N LYS A 435 -13.85 -19.94 18.37
CA LYS A 435 -12.75 -20.67 19.00
C LYS A 435 -11.57 -19.76 19.36
N TYR A 436 -11.15 -19.83 20.62
CA TYR A 436 -10.05 -19.01 21.13
C TYR A 436 -8.93 -19.93 21.63
N ASN A 437 -7.72 -19.42 21.62
CA ASN A 437 -6.58 -20.13 22.08
C ASN A 437 -5.65 -19.17 22.85
N GLY A 438 -5.13 -19.65 23.95
CA GLY A 438 -4.26 -18.82 24.75
C GLY A 438 -3.70 -19.62 25.90
N VAL A 439 -3.76 -19.07 27.10
CA VAL A 439 -3.14 -19.73 28.25
C VAL A 439 -3.99 -19.63 29.50
N PHE A 440 -3.85 -20.60 30.39
CA PHE A 440 -4.32 -20.55 31.74
C PHE A 440 -3.09 -20.06 32.59
N LEU A 441 -3.35 -19.16 33.53
CA LEU A 441 -2.31 -18.57 34.28
C LEU A 441 -2.79 -18.10 35.65
N ARG A 442 -2.13 -18.51 36.70
CA ARG A 442 -2.38 -18.02 38.03
C ARG A 442 -1.57 -16.76 38.19
N GLN A 443 -2.21 -15.71 38.59
CA GLN A 443 -1.45 -14.51 38.92
C GLN A 443 -2.01 -13.68 40.07
N TRP A 444 -1.49 -12.48 40.23
CA TRP A 444 -1.80 -11.63 41.38
C TRP A 444 -2.76 -10.53 40.97
N ASP A 445 -3.83 -10.36 41.74
CA ASP A 445 -4.73 -9.23 41.56
C ASP A 445 -4.32 -8.17 42.60
N SER A 446 -3.76 -7.06 42.13
CA SER A 446 -3.12 -6.10 43.02
C SER A 446 -4.12 -5.20 43.72
N VAL A 447 -5.32 -5.14 43.18
CA VAL A 447 -6.39 -4.36 43.81
C VAL A 447 -7.01 -5.13 44.97
N ARG A 448 -7.44 -6.36 44.72
CA ARG A 448 -7.97 -7.21 45.77
C ARG A 448 -6.89 -7.87 46.63
N GLU A 449 -5.65 -7.83 46.14
CA GLU A 449 -4.52 -8.43 46.84
C GLU A 449 -4.75 -9.91 47.11
N LYS A 450 -5.03 -10.64 46.03
CA LYS A 450 -5.27 -12.08 46.10
C LYS A 450 -4.70 -12.72 44.85
N ASN A 451 -4.32 -13.99 44.97
CA ASN A 451 -4.02 -14.78 43.77
C ASN A 451 -5.30 -15.12 43.04
N VAL A 452 -5.22 -15.25 41.74
CA VAL A 452 -6.39 -15.58 40.94
C VAL A 452 -5.98 -16.47 39.78
N MET A 453 -6.83 -17.45 39.46
CA MET A 453 -6.67 -18.19 38.24
C MET A 453 -7.24 -17.32 37.13
N THR A 454 -6.64 -17.38 35.98
N THR A 454 -6.53 -17.27 36.01
CA THR A 454 -6.93 -16.53 34.89
CA THR A 454 -6.95 -16.47 34.87
C THR A 454 -6.86 -17.29 33.58
C THR A 454 -6.86 -17.29 33.59
N PHE A 455 -7.54 -16.82 32.56
CA PHE A 455 -7.24 -17.22 31.20
C PHE A 455 -7.22 -16.01 30.27
N SER A 456 -6.35 -16.08 29.28
CA SER A 456 -6.26 -15.04 28.27
C SER A 456 -6.13 -15.73 26.93
N VAL A 457 -7.09 -15.48 26.04
CA VAL A 457 -7.16 -16.21 24.78
C VAL A 457 -7.51 -15.29 23.63
N LEU A 458 -7.32 -15.78 22.41
CA LEU A 458 -7.53 -14.96 21.24
C LEU A 458 -8.15 -15.80 20.14
N ASN A 459 -9.14 -15.26 19.44
CA ASN A 459 -9.68 -15.98 18.27
C ASN A 459 -9.05 -15.48 16.97
N THR A 460 -9.45 -16.06 15.85
CA THR A 460 -8.90 -15.68 14.55
C THR A 460 -9.33 -14.28 14.10
N SER A 461 -10.45 -13.81 14.62
CA SER A 461 -10.91 -12.48 14.28
C SER A 461 -10.01 -11.42 14.94
N GLY A 462 -9.03 -11.90 15.71
CA GLY A 462 -8.19 -11.02 16.51
C GLY A 462 -8.93 -10.42 17.70
N GLU A 463 -9.83 -11.19 18.30
CA GLU A 463 -10.58 -10.75 19.46
C GLU A 463 -10.08 -11.43 20.72
N ALA A 464 -9.80 -10.60 21.71
CA ALA A 464 -9.18 -11.08 22.92
C ALA A 464 -10.19 -11.25 24.05
N VAL A 465 -10.06 -12.34 24.79
CA VAL A 465 -10.96 -12.58 25.92
C VAL A 465 -10.15 -12.90 27.16
N TRP A 466 -10.51 -12.24 28.28
CA TRP A 466 -9.85 -12.52 29.56
C TRP A 466 -10.84 -13.09 30.54
N GLY A 467 -10.41 -14.11 31.28
CA GLY A 467 -11.20 -14.62 32.40
C GLY A 467 -10.46 -14.49 33.72
N SER A 468 -11.18 -14.09 34.77
CA SER A 468 -10.60 -13.98 36.11
C SER A 468 -11.48 -14.74 37.09
N LYS A 469 -10.91 -15.67 37.84
CA LYS A 469 -11.78 -16.58 38.57
C LYS A 469 -12.36 -16.06 39.89
N LEU A 470 -13.69 -16.43 39.83
CA LEU A 470 -14.48 -16.13 41.04
C LEU A 470 -15.43 -14.94 40.89
N LYS B 28 8.78 -13.27 -44.34
CA LYS B 28 9.10 -11.98 -43.75
C LYS B 28 7.84 -11.30 -43.21
N PRO B 29 7.86 -10.91 -41.93
CA PRO B 29 6.66 -10.36 -41.29
C PRO B 29 6.09 -9.18 -42.08
N ILE B 30 4.78 -9.18 -42.29
CA ILE B 30 4.11 -8.10 -43.00
C ILE B 30 3.30 -7.26 -42.02
N PHE B 31 3.52 -5.95 -42.01
CA PHE B 31 2.71 -5.06 -41.19
C PHE B 31 1.90 -4.13 -42.07
N LYS B 32 0.65 -3.87 -41.68
CA LYS B 32 -0.13 -2.83 -42.34
C LYS B 32 -0.65 -1.93 -41.22
N GLU B 33 -0.36 -0.65 -41.32
CA GLU B 33 -0.57 0.29 -40.21
C GLU B 33 -1.93 0.95 -40.23
N VAL B 34 -2.41 1.33 -39.05
CA VAL B 34 -3.65 2.07 -38.95
C VAL B 34 -3.48 3.13 -37.88
N SER B 35 -4.34 4.13 -37.94
N SER B 35 -4.33 4.15 -37.94
CA SER B 35 -4.33 5.20 -36.97
CA SER B 35 -4.32 5.19 -36.95
C SER B 35 -5.63 5.15 -36.17
C SER B 35 -5.62 5.15 -36.17
N VAL B 36 -5.52 4.74 -34.92
CA VAL B 36 -6.64 4.73 -34.01
C VAL B 36 -6.11 5.22 -32.68
N HIS B 37 -6.49 6.43 -32.29
CA HIS B 37 -6.02 7.02 -31.03
C HIS B 37 -6.74 6.33 -29.88
N ASP B 38 -6.00 6.03 -28.80
CA ASP B 38 -6.58 5.37 -27.63
C ASP B 38 -7.27 4.04 -27.95
N PRO B 39 -6.54 3.12 -28.59
CA PRO B 39 -7.22 1.91 -29.11
C PRO B 39 -7.69 0.96 -27.99
N SER B 40 -8.93 0.51 -28.07
CA SER B 40 -9.46 -0.41 -27.06
C SER B 40 -9.76 -1.74 -27.75
N ILE B 41 -8.97 -2.75 -27.40
CA ILE B 41 -9.01 -4.06 -28.06
C ILE B 41 -10.27 -4.86 -27.70
N ILE B 42 -10.84 -5.52 -28.70
CA ILE B 42 -11.90 -6.50 -28.44
C ILE B 42 -11.86 -7.54 -29.55
N GLU B 43 -11.92 -8.82 -29.16
CA GLU B 43 -11.82 -9.91 -30.14
C GLU B 43 -13.17 -10.57 -30.25
N THR B 44 -13.59 -10.88 -31.47
CA THR B 44 -14.81 -11.65 -31.68
C THR B 44 -14.69 -12.53 -32.91
N ASN B 45 -15.02 -13.80 -32.73
CA ASN B 45 -14.96 -14.75 -33.83
C ASN B 45 -13.63 -14.73 -34.60
N GLY B 46 -12.53 -14.62 -33.87
CA GLY B 46 -11.22 -14.70 -34.50
C GLY B 46 -10.70 -13.43 -35.15
N THR B 47 -11.45 -12.33 -35.03
CA THR B 47 -11.01 -11.04 -35.56
C THR B 47 -10.86 -10.03 -34.42
N PHE B 48 -9.71 -9.37 -34.38
CA PHE B 48 -9.44 -8.36 -33.37
C PHE B 48 -9.86 -7.00 -33.87
N TYR B 49 -10.55 -6.26 -33.01
CA TYR B 49 -10.90 -4.88 -33.30
C TYR B 49 -10.27 -3.94 -32.30
N VAL B 50 -9.95 -2.74 -32.75
CA VAL B 50 -9.74 -1.64 -31.80
C VAL B 50 -10.71 -0.52 -32.10
N PHE B 51 -11.28 0.02 -31.02
CA PHE B 51 -12.12 1.22 -31.09
C PHE B 51 -11.43 2.29 -30.26
N GLY B 52 -11.29 3.49 -30.83
CA GLY B 52 -10.53 4.54 -30.18
C GLY B 52 -11.34 5.82 -30.09
N SER B 53 -10.64 6.95 -30.10
CA SER B 53 -11.29 8.26 -30.13
C SER B 53 -11.75 8.59 -31.54
N HIS B 54 -12.59 9.61 -31.65
CA HIS B 54 -13.05 10.12 -32.95
C HIS B 54 -13.83 9.06 -33.73
N LEU B 55 -14.45 8.14 -33.00
CA LEU B 55 -15.23 7.05 -33.57
C LEU B 55 -14.39 6.30 -34.61
N ALA B 56 -13.08 6.22 -34.34
CA ALA B 56 -12.17 5.51 -35.23
C ALA B 56 -12.09 4.04 -34.84
N SER B 57 -11.75 3.19 -35.80
CA SER B 57 -11.69 1.75 -35.55
C SER B 57 -10.90 1.06 -36.65
N ALA B 58 -10.41 -0.13 -36.33
CA ALA B 58 -9.64 -0.94 -37.28
C ALA B 58 -9.77 -2.38 -36.83
N LYS B 59 -9.49 -3.32 -37.73
CA LYS B 59 -9.56 -4.73 -37.37
C LYS B 59 -8.40 -5.51 -37.97
N SER B 60 -8.12 -6.67 -37.39
CA SER B 60 -7.01 -7.52 -37.83
C SER B 60 -7.24 -8.96 -37.39
N ASN B 61 -6.75 -9.91 -38.19
CA ASN B 61 -6.81 -11.31 -37.77
C ASN B 61 -5.51 -11.80 -37.15
N ASP B 62 -4.43 -11.05 -37.34
CA ASP B 62 -3.14 -11.55 -36.89
C ASP B 62 -2.39 -10.58 -35.98
N LEU B 63 -3.03 -9.44 -35.71
CA LEU B 63 -2.42 -8.36 -34.90
C LEU B 63 -1.25 -7.63 -35.56
N MET B 64 -0.99 -7.95 -36.83
CA MET B 64 0.13 -7.34 -37.56
C MET B 64 -0.33 -6.53 -38.78
N GLN B 65 -1.26 -7.11 -39.53
CA GLN B 65 -1.88 -6.42 -40.64
C GLN B 65 -3.25 -5.92 -40.19
N TRP B 66 -3.35 -4.61 -40.01
CA TRP B 66 -4.60 -3.99 -39.59
C TRP B 66 -5.29 -3.31 -40.79
N GLN B 67 -6.61 -3.40 -40.83
CA GLN B 67 -7.41 -2.69 -41.82
C GLN B 67 -8.14 -1.53 -41.14
N GLN B 68 -7.94 -0.31 -41.63
CA GLN B 68 -8.64 0.84 -41.10
C GLN B 68 -10.10 0.77 -41.51
N LEU B 69 -11.02 0.89 -40.55
CA LEU B 69 -12.47 0.82 -40.81
C LEU B 69 -13.09 2.20 -40.81
N THR B 70 -12.84 2.96 -39.74
CA THR B 70 -13.37 4.32 -39.60
C THR B 70 -12.29 5.22 -39.04
N THR B 71 -12.43 6.53 -39.25
CA THR B 71 -11.40 7.45 -38.81
C THR B 71 -11.91 8.68 -38.06
N SER B 72 -13.17 9.06 -38.23
CA SER B 72 -13.60 10.31 -37.63
C SER B 72 -15.11 10.36 -37.42
N VAL B 73 -15.56 11.28 -36.58
CA VAL B 73 -16.97 11.42 -36.31
C VAL B 73 -17.62 12.18 -37.46
N SER B 74 -18.60 11.56 -38.09
CA SER B 74 -19.39 12.21 -39.13
C SER B 74 -20.68 11.43 -39.34
N ASN B 75 -21.69 12.07 -39.88
CA ASN B 75 -22.96 11.41 -40.09
C ASN B 75 -22.80 10.26 -41.08
N ASP B 76 -21.65 10.22 -41.70
CA ASP B 76 -21.21 9.23 -42.62
C ASP B 76 -20.52 7.96 -42.01
N ASN B 77 -20.15 8.00 -40.76
CA ASN B 77 -19.45 6.90 -40.15
C ASN B 77 -20.40 5.75 -39.93
N PRO B 78 -20.12 4.56 -40.45
CA PRO B 78 -21.05 3.42 -40.38
C PRO B 78 -21.27 2.87 -38.96
N LEU B 79 -20.37 3.15 -38.03
CA LEU B 79 -20.57 2.68 -36.66
C LEU B 79 -21.84 3.26 -36.05
N ILE B 80 -22.05 4.55 -36.26
CA ILE B 80 -23.25 5.19 -35.75
C ILE B 80 -23.78 6.14 -36.82
N PRO B 81 -24.64 5.64 -37.70
CA PRO B 81 -25.18 6.49 -38.75
C PRO B 81 -25.90 7.70 -38.15
N ASN B 82 -25.82 8.82 -38.85
CA ASN B 82 -26.42 10.06 -38.36
C ASN B 82 -25.99 10.34 -36.92
N VAL B 83 -24.70 10.18 -36.66
CA VAL B 83 -24.19 10.25 -35.29
C VAL B 83 -24.55 11.56 -34.59
N TYR B 84 -24.55 12.66 -35.33
CA TYR B 84 -24.74 13.96 -34.70
C TYR B 84 -26.17 14.12 -34.18
N GLU B 85 -27.08 13.35 -34.75
CA GLU B 85 -28.45 13.31 -34.24
C GLU B 85 -28.58 12.24 -33.15
N GLU B 86 -28.00 11.07 -33.41
CA GLU B 86 -28.11 9.94 -32.50
C GLU B 86 -27.56 10.26 -31.11
N LEU B 87 -26.42 10.96 -31.04
CA LEU B 87 -25.79 11.32 -29.77
C LEU B 87 -25.84 12.84 -29.56
N LYS B 88 -26.91 13.45 -30.03
CA LYS B 88 -27.05 14.89 -29.94
C LYS B 88 -26.85 15.44 -28.52
N GLU B 89 -27.50 14.85 -27.53
CA GLU B 89 -27.38 15.34 -26.15
C GLU B 89 -25.94 15.34 -25.66
N THR B 90 -25.15 14.38 -26.14
CA THR B 90 -23.76 14.27 -25.72
C THR B 90 -22.89 15.39 -26.34
N PHE B 91 -23.05 15.62 -27.64
CA PHE B 91 -22.29 16.68 -28.30
C PHE B 91 -22.68 18.04 -27.75
N GLU B 92 -23.97 18.20 -27.41
CA GLU B 92 -24.43 19.46 -26.84
C GLU B 92 -23.87 19.67 -25.46
N TRP B 93 -23.91 18.65 -24.63
CA TRP B 93 -23.37 18.76 -23.26
C TRP B 93 -21.88 19.04 -23.28
N ALA B 94 -21.13 18.22 -24.00
CA ALA B 94 -19.68 18.36 -24.05
C ALA B 94 -19.18 19.52 -24.92
N GLN B 95 -20.07 20.16 -25.65
CA GLN B 95 -19.70 21.23 -26.55
C GLN B 95 -18.53 20.83 -27.47
N SER B 96 -18.72 19.68 -28.11
CA SER B 96 -17.67 19.11 -28.96
C SER B 96 -18.27 18.59 -30.26
N ASP B 97 -17.44 18.44 -31.28
CA ASP B 97 -17.90 17.81 -32.52
C ASP B 97 -17.29 16.43 -32.69
N THR B 98 -16.67 15.93 -31.63
CA THR B 98 -16.05 14.61 -31.70
C THR B 98 -16.31 13.79 -30.44
N LEU B 99 -15.85 12.55 -30.46
CA LEU B 99 -15.95 11.66 -29.31
C LEU B 99 -14.55 11.30 -28.83
N TRP B 100 -14.41 11.10 -27.52
CA TRP B 100 -13.14 10.64 -26.97
C TRP B 100 -13.06 9.10 -26.95
N ALA B 101 -12.21 8.54 -26.08
CA ALA B 101 -11.79 7.14 -26.23
C ALA B 101 -12.88 6.12 -25.87
N ALA B 102 -13.42 5.45 -26.88
CA ALA B 102 -14.49 4.49 -26.69
C ALA B 102 -13.97 3.21 -26.04
N ASP B 103 -14.89 2.42 -25.49
CA ASP B 103 -14.66 1.01 -25.25
C ASP B 103 -15.86 0.27 -25.79
N VAL B 104 -15.62 -0.86 -26.45
CA VAL B 104 -16.72 -1.72 -26.85
C VAL B 104 -16.54 -3.03 -26.11
N THR B 105 -17.62 -3.56 -25.58
CA THR B 105 -17.59 -4.80 -24.83
C THR B 105 -18.86 -5.55 -25.14
N GLN B 106 -18.74 -6.82 -25.37
CA GLN B 106 -19.89 -7.67 -25.59
C GLN B 106 -20.45 -8.18 -24.26
N LEU B 107 -21.74 -8.07 -24.05
CA LEU B 107 -22.32 -8.55 -22.80
C LEU B 107 -22.99 -9.91 -23.01
N ALA B 108 -23.58 -10.44 -21.96
CA ALA B 108 -24.10 -11.80 -22.00
C ALA B 108 -25.19 -11.98 -23.05
N ASP B 109 -25.94 -10.92 -23.35
CA ASP B 109 -26.95 -11.02 -24.39
C ASP B 109 -26.37 -11.20 -25.79
N GLY B 110 -25.05 -11.11 -25.90
CA GLY B 110 -24.42 -11.29 -27.19
C GLY B 110 -24.32 -10.01 -28.01
N LYS B 111 -24.91 -8.92 -27.51
CA LYS B 111 -24.84 -7.64 -28.20
C LYS B 111 -23.56 -6.89 -27.85
N TYR B 112 -23.18 -5.95 -28.71
CA TYR B 112 -21.96 -5.20 -28.54
C TYR B 112 -22.28 -3.82 -27.95
N TYR B 113 -21.69 -3.53 -26.79
CA TYR B 113 -21.98 -2.30 -26.09
C TYR B 113 -20.82 -1.32 -26.25
N MET B 114 -21.07 -0.19 -26.91
CA MET B 114 -20.09 0.88 -26.99
C MET B 114 -20.30 1.90 -25.88
N TYR B 115 -19.29 2.06 -25.04
CA TYR B 115 -19.29 3.10 -24.03
C TYR B 115 -18.63 4.32 -24.64
N TYR B 116 -19.47 5.28 -25.03
CA TYR B 116 -18.98 6.47 -25.71
C TYR B 116 -18.90 7.64 -24.75
N ASN B 117 -18.04 8.58 -25.04
CA ASN B 117 -17.90 9.75 -24.23
C ASN B 117 -17.38 10.95 -25.06
N ALA B 118 -17.73 12.14 -24.64
CA ALA B 118 -17.21 13.34 -25.29
C ALA B 118 -16.82 14.33 -24.21
N CYS B 119 -15.87 15.20 -24.54
CA CYS B 119 -15.32 16.17 -23.59
C CYS B 119 -15.00 17.46 -24.32
N ARG B 120 -15.33 18.58 -23.70
CA ARG B 120 -15.07 19.87 -24.29
C ARG B 120 -13.59 20.05 -24.64
N GLY B 121 -12.71 19.46 -23.82
CA GLY B 121 -11.29 19.45 -24.12
C GLY B 121 -10.44 20.40 -23.31
N ASP B 122 -11.04 21.51 -22.87
CA ASP B 122 -10.34 22.53 -22.10
C ASP B 122 -10.73 22.46 -20.64
N SER B 123 -11.61 21.51 -20.32
CA SER B 123 -12.16 21.36 -18.98
C SER B 123 -12.94 20.04 -18.99
N PRO B 124 -13.26 19.50 -17.81
CA PRO B 124 -13.92 18.19 -17.73
C PRO B 124 -15.43 18.28 -18.00
N ARG B 125 -15.79 19.06 -19.01
CA ARG B 125 -17.17 19.19 -19.41
C ARG B 125 -17.51 18.03 -20.34
N SER B 126 -18.06 16.95 -19.77
CA SER B 126 -18.13 15.67 -20.48
C SER B 126 -19.38 14.87 -20.18
N ALA B 127 -19.73 13.97 -21.09
CA ALA B 127 -20.81 13.02 -20.90
C ALA B 127 -20.38 11.64 -21.35
N MET B 128 -20.82 10.63 -20.61
CA MET B 128 -20.60 9.24 -21.02
C MET B 128 -21.93 8.52 -21.16
N GLY B 129 -22.08 7.74 -22.23
CA GLY B 129 -23.30 7.01 -22.43
C GLY B 129 -23.00 5.65 -23.03
N VAL B 130 -24.05 4.91 -23.36
CA VAL B 130 -23.86 3.63 -24.02
C VAL B 130 -24.78 3.48 -25.22
N ALA B 131 -24.24 2.86 -26.26
CA ALA B 131 -24.98 2.51 -27.47
C ALA B 131 -24.76 1.04 -27.73
N VAL B 132 -25.72 0.38 -28.38
N VAL B 132 -25.73 0.36 -28.34
CA VAL B 132 -25.67 -1.07 -28.51
CA VAL B 132 -25.67 -1.10 -28.49
C VAL B 132 -25.90 -1.51 -29.95
C VAL B 132 -25.91 -1.52 -29.93
N ALA B 133 -25.27 -2.59 -30.34
CA ALA B 133 -25.35 -3.09 -31.72
C ALA B 133 -25.47 -4.62 -31.74
N ASP B 134 -26.17 -5.11 -32.73
CA ASP B 134 -26.13 -6.52 -33.05
C ASP B 134 -24.78 -6.95 -33.61
N ASN B 135 -24.20 -6.10 -34.43
CA ASN B 135 -22.91 -6.37 -35.07
C ASN B 135 -21.82 -5.43 -34.60
N ILE B 136 -20.65 -5.97 -34.43
CA ILE B 136 -19.56 -5.19 -33.87
C ILE B 136 -19.16 -4.00 -34.76
N GLU B 137 -19.41 -4.11 -36.06
CA GLU B 137 -19.13 -2.98 -36.95
C GLU B 137 -20.34 -2.06 -37.09
N GLY B 138 -21.31 -2.22 -36.20
CA GLY B 138 -22.48 -1.35 -36.19
C GLY B 138 -23.63 -1.84 -37.04
N PRO B 139 -24.73 -1.07 -37.07
CA PRO B 139 -24.87 0.23 -36.41
C PRO B 139 -25.14 0.14 -34.92
N TYR B 140 -24.60 1.07 -34.15
CA TYR B 140 -24.86 1.15 -32.72
C TYR B 140 -25.99 2.15 -32.44
N LYS B 141 -26.92 1.77 -31.57
CA LYS B 141 -28.06 2.60 -31.25
C LYS B 141 -27.94 3.14 -29.82
N ASN B 142 -28.10 4.45 -29.68
CA ASN B 142 -28.01 5.10 -28.41
C ASN B 142 -29.02 4.56 -27.39
N LYS B 143 -28.54 4.29 -26.18
CA LYS B 143 -29.43 3.96 -25.05
C LYS B 143 -29.51 5.10 -24.05
N GLY B 144 -28.60 6.06 -24.16
CA GLY B 144 -28.65 7.23 -23.30
C GLY B 144 -27.36 7.53 -22.54
N ILE B 145 -27.26 8.76 -22.05
CA ILE B 145 -26.14 9.22 -21.24
C ILE B 145 -26.35 8.73 -19.83
N PHE B 146 -25.29 8.28 -19.17
CA PHE B 146 -25.44 7.87 -17.77
C PHE B 146 -24.49 8.57 -16.77
N LEU B 147 -23.51 9.32 -17.29
CA LEU B 147 -22.64 10.13 -16.43
C LEU B 147 -22.33 11.48 -17.05
N LYS B 148 -22.21 12.50 -16.21
CA LYS B 148 -21.79 13.81 -16.67
C LYS B 148 -20.76 14.38 -15.69
N SER B 149 -19.84 15.18 -16.21
CA SER B 149 -18.97 16.00 -15.37
C SER B 149 -18.93 17.40 -15.95
N GLY B 150 -18.38 18.34 -15.17
CA GLY B 150 -18.23 19.69 -15.65
C GLY B 150 -19.52 20.48 -15.57
N MET B 151 -20.50 19.96 -14.83
CA MET B 151 -21.72 20.75 -14.58
C MET B 151 -21.34 21.86 -13.62
N GLU B 152 -22.12 22.94 -13.61
CA GLU B 152 -21.87 24.05 -12.70
C GLU B 152 -22.28 23.68 -11.29
N GLY B 153 -23.30 22.84 -11.17
CA GLY B 153 -23.90 22.57 -9.88
C GLY B 153 -23.79 21.14 -9.44
N THR B 154 -24.94 20.56 -9.09
CA THR B 154 -24.97 19.25 -8.45
C THR B 154 -24.42 18.17 -9.37
N SER B 155 -23.46 17.42 -8.87
CA SER B 155 -22.77 16.40 -9.66
C SER B 155 -23.48 15.06 -9.54
N SER B 156 -22.91 14.05 -10.19
CA SER B 156 -23.49 12.71 -10.18
C SER B 156 -23.52 12.09 -8.79
N ASP B 157 -22.71 12.62 -7.87
CA ASP B 157 -22.64 12.07 -6.53
C ASP B 157 -23.43 12.88 -5.49
N GLY B 158 -24.18 13.88 -5.98
CA GLY B 158 -25.05 14.66 -5.13
C GLY B 158 -24.45 15.92 -4.53
N THR B 159 -23.14 16.05 -4.66
CA THR B 159 -22.42 17.24 -4.18
C THR B 159 -21.98 18.12 -5.35
N PRO B 160 -21.73 19.41 -5.07
CA PRO B 160 -21.32 20.30 -6.16
C PRO B 160 -20.16 19.72 -6.94
N TYR B 161 -20.20 19.82 -8.26
CA TYR B 161 -19.10 19.28 -9.06
C TYR B 161 -17.81 20.00 -8.72
N ASP B 162 -16.75 19.22 -8.52
CA ASP B 162 -15.46 19.74 -8.12
C ASP B 162 -14.38 18.86 -8.75
N ALA B 163 -13.72 19.36 -9.79
CA ALA B 163 -12.80 18.53 -10.59
C ALA B 163 -11.54 18.12 -9.81
N THR B 164 -11.39 18.68 -8.62
N THR B 164 -11.36 18.67 -8.61
CA THR B 164 -10.30 18.30 -7.73
CA THR B 164 -10.23 18.24 -7.78
C THR B 164 -10.52 16.90 -7.16
C THR B 164 -10.50 16.88 -7.16
N LYS B 165 -11.74 16.55 -7.04
CA LYS B 165 -12.11 15.28 -6.42
C LYS B 165 -13.05 14.43 -7.26
N HIS B 166 -13.73 15.00 -8.23
CA HIS B 166 -14.63 14.26 -9.12
C HIS B 166 -13.89 13.96 -10.41
N PRO B 167 -14.22 12.83 -11.07
CA PRO B 167 -13.54 12.49 -12.31
C PRO B 167 -14.04 13.34 -13.47
N ASN B 168 -13.28 13.28 -14.55
CA ASN B 168 -13.77 13.61 -15.88
C ASN B 168 -14.36 12.30 -16.43
N VAL B 169 -15.59 12.34 -16.92
CA VAL B 169 -16.29 11.09 -17.22
C VAL B 169 -15.94 10.57 -18.62
N VAL B 170 -14.67 10.23 -18.80
CA VAL B 170 -14.15 9.78 -20.08
C VAL B 170 -13.29 8.52 -19.86
N ASP B 171 -12.79 7.95 -20.97
CA ASP B 171 -11.84 6.83 -20.92
C ASP B 171 -12.36 5.56 -20.24
N PRO B 172 -13.56 5.11 -20.56
CA PRO B 172 -14.09 3.88 -19.98
C PRO B 172 -13.33 2.62 -20.38
N HIS B 173 -13.38 1.64 -19.50
CA HIS B 173 -13.14 0.25 -19.86
C HIS B 173 -14.15 -0.58 -19.09
N THR B 174 -15.06 -1.20 -19.81
CA THR B 174 -16.07 -2.04 -19.19
C THR B 174 -15.64 -3.49 -19.33
N PHE B 175 -15.57 -4.22 -18.22
CA PHE B 175 -14.98 -5.56 -18.23
C PHE B 175 -15.65 -6.48 -17.23
N PHE B 176 -15.59 -7.78 -17.51
CA PHE B 176 -16.06 -8.77 -16.56
C PHE B 176 -14.90 -9.20 -15.68
N ASP B 177 -15.13 -9.31 -14.36
CA ASP B 177 -14.10 -9.89 -13.49
C ASP B 177 -14.14 -11.44 -13.55
N LYS B 178 -13.23 -12.09 -12.83
CA LYS B 178 -13.13 -13.54 -12.91
C LYS B 178 -14.42 -14.27 -12.47
N ASP B 179 -15.24 -13.62 -11.66
CA ASP B 179 -16.48 -14.21 -11.18
C ASP B 179 -17.68 -13.89 -12.07
N GLY B 180 -17.45 -13.18 -13.18
CA GLY B 180 -18.54 -12.81 -14.08
C GLY B 180 -19.25 -11.52 -13.72
N LYS B 181 -18.76 -10.82 -12.71
CA LYS B 181 -19.34 -9.53 -12.33
C LYS B 181 -18.86 -8.46 -13.31
N LEU B 182 -19.78 -7.58 -13.72
CA LEU B 182 -19.47 -6.52 -14.70
C LEU B 182 -19.10 -5.23 -14.03
N TRP B 183 -18.00 -4.65 -14.48
CA TRP B 183 -17.44 -3.43 -13.91
C TRP B 183 -17.12 -2.42 -15.00
N MET B 184 -17.01 -1.14 -14.64
CA MET B 184 -16.40 -0.18 -15.55
C MET B 184 -15.44 0.76 -14.80
N VAL B 185 -14.21 0.78 -15.27
CA VAL B 185 -13.22 1.71 -14.76
C VAL B 185 -13.10 2.86 -15.75
N TYR B 186 -12.79 4.06 -15.27
CA TYR B 186 -12.73 5.24 -16.14
C TYR B 186 -12.02 6.39 -15.44
N GLY B 187 -11.76 7.46 -16.19
CA GLY B 187 -11.25 8.69 -15.62
C GLY B 187 -10.07 9.23 -16.41
N SER B 188 -9.89 10.54 -16.33
CA SER B 188 -8.76 11.24 -16.92
C SER B 188 -8.51 12.53 -16.16
N TYR B 189 -7.32 12.67 -15.61
CA TYR B 189 -6.93 13.88 -14.90
C TYR B 189 -8.00 14.18 -13.86
N SER B 190 -8.34 15.45 -13.67
CA SER B 190 -9.34 15.83 -12.68
C SER B 190 -9.19 15.07 -11.35
N GLY B 191 -10.28 14.47 -10.89
CA GLY B 191 -10.35 13.91 -9.56
C GLY B 191 -9.82 12.50 -9.43
N GLY B 192 -9.49 11.87 -10.55
CA GLY B 192 -8.83 10.58 -10.51
C GLY B 192 -9.54 9.48 -11.30
N ILE B 193 -9.21 8.24 -10.96
CA ILE B 193 -9.66 7.06 -11.69
C ILE B 193 -10.65 6.37 -10.79
N PHE B 194 -11.81 6.03 -11.36
CA PHE B 194 -12.93 5.51 -10.58
C PHE B 194 -13.42 4.19 -11.15
N ILE B 195 -14.10 3.39 -10.32
CA ILE B 195 -14.68 2.14 -10.82
C ILE B 195 -16.13 2.00 -10.37
N LEU B 196 -16.96 1.52 -11.29
CA LEU B 196 -18.40 1.37 -11.03
C LEU B 196 -18.86 -0.06 -11.25
N GLU B 197 -19.80 -0.51 -10.42
CA GLU B 197 -20.47 -1.78 -10.65
C GLU B 197 -21.51 -1.59 -11.74
N MET B 198 -21.55 -2.51 -12.70
CA MET B 198 -22.46 -2.35 -13.83
C MET B 198 -23.60 -3.37 -13.83
N ASN B 199 -24.72 -3.00 -14.46
CA ASN B 199 -25.85 -3.91 -14.65
C ASN B 199 -25.55 -4.80 -15.87
N PRO B 200 -25.45 -6.12 -15.64
CA PRO B 200 -25.09 -7.11 -16.67
C PRO B 200 -26.15 -7.23 -17.76
N LYS B 201 -27.39 -6.84 -17.47
CA LYS B 201 -28.45 -6.98 -18.45
C LYS B 201 -28.63 -5.72 -19.29
N THR B 202 -28.22 -4.59 -18.73
N THR B 202 -28.29 -4.57 -18.73
CA THR B 202 -28.55 -3.28 -19.26
CA THR B 202 -28.54 -3.30 -19.41
C THR B 202 -27.33 -2.49 -19.73
C THR B 202 -27.27 -2.58 -19.87
N GLY B 203 -26.16 -2.82 -19.17
CA GLY B 203 -24.93 -2.11 -19.48
C GLY B 203 -24.76 -0.78 -18.75
N PHE B 204 -25.79 -0.34 -18.02
CA PHE B 204 -25.71 0.88 -17.22
C PHE B 204 -25.15 0.61 -15.82
N PRO B 205 -24.53 1.63 -15.19
CA PRO B 205 -24.12 1.42 -13.80
C PRO B 205 -25.31 1.08 -12.92
N LEU B 206 -25.08 0.26 -11.88
CA LEU B 206 -26.09 0.09 -10.85
C LEU B 206 -26.37 1.43 -10.16
N PRO B 207 -27.59 1.63 -9.67
CA PRO B 207 -27.99 2.86 -8.98
C PRO B 207 -27.23 3.10 -7.68
N GLY B 208 -27.15 4.36 -7.27
CA GLY B 208 -26.68 4.73 -5.94
C GLY B 208 -25.19 4.81 -5.73
N GLN B 209 -24.41 4.83 -6.82
CA GLN B 209 -22.95 4.80 -6.71
C GLN B 209 -22.26 6.15 -6.88
N GLY B 210 -23.00 7.14 -7.38
CA GLY B 210 -22.38 8.41 -7.73
C GLY B 210 -21.34 8.17 -8.81
N TYR B 211 -20.12 8.67 -8.61
CA TYR B 211 -19.05 8.41 -9.58
C TYR B 211 -18.36 7.05 -9.36
N GLY B 212 -18.75 6.35 -8.29
CA GLY B 212 -18.15 5.06 -7.97
C GLY B 212 -17.03 5.13 -6.95
N LYS B 213 -16.22 4.08 -6.92
CA LYS B 213 -15.11 3.95 -5.98
C LYS B 213 -13.82 4.46 -6.59
N LYS B 214 -13.12 5.34 -5.90
CA LYS B 214 -11.83 5.85 -6.34
C LYS B 214 -10.76 4.82 -6.19
N LEU B 215 -9.93 4.68 -7.23
CA LEU B 215 -8.79 3.78 -7.26
C LEU B 215 -7.47 4.49 -7.03
N LEU B 216 -7.41 5.70 -7.56
CA LEU B 216 -6.28 6.56 -7.44
C LEU B 216 -6.57 7.96 -8.03
N GLY B 217 -5.63 8.83 -7.75
CA GLY B 217 -5.64 10.15 -8.27
C GLY B 217 -6.21 11.25 -7.41
N GLY B 218 -6.32 12.43 -7.96
CA GLY B 218 -6.88 13.56 -7.23
C GLY B 218 -6.09 14.82 -7.53
N ASN B 219 -6.73 15.99 -7.45
CA ASN B 219 -6.06 17.26 -7.69
C ASN B 219 -5.32 17.32 -9.02
N HIS B 220 -5.96 16.81 -10.07
CA HIS B 220 -5.47 17.04 -11.41
C HIS B 220 -4.12 16.37 -11.72
N SER B 221 -3.95 15.14 -11.25
CA SER B 221 -2.79 14.35 -11.64
C SER B 221 -2.92 13.96 -13.10
N ARG B 222 -1.81 13.96 -13.81
N ARG B 222 -1.81 13.96 -13.82
CA ARG B 222 -1.82 13.60 -15.23
CA ARG B 222 -1.84 13.61 -15.24
C ARG B 222 -1.82 12.08 -15.42
C ARG B 222 -1.82 12.09 -15.42
N ILE B 223 -2.96 11.47 -15.12
CA ILE B 223 -3.14 10.03 -15.28
C ILE B 223 -4.51 9.78 -15.90
N GLU B 224 -4.55 8.91 -16.88
CA GLU B 224 -5.79 8.67 -17.61
C GLU B 224 -5.75 7.32 -18.31
N GLY B 225 -6.84 6.98 -18.99
CA GLY B 225 -6.88 5.79 -19.82
C GLY B 225 -6.76 4.46 -19.10
N PRO B 226 -7.42 4.32 -17.97
CA PRO B 226 -7.32 3.05 -17.22
C PRO B 226 -7.80 1.86 -18.05
N TYR B 227 -7.18 0.72 -17.81
CA TYR B 227 -7.60 -0.53 -18.45
C TYR B 227 -7.26 -1.69 -17.52
N VAL B 228 -8.21 -2.61 -17.32
CA VAL B 228 -7.99 -3.73 -16.41
C VAL B 228 -7.91 -5.08 -17.14
N LEU B 229 -6.82 -5.80 -16.94
CA LEU B 229 -6.71 -7.15 -17.47
C LEU B 229 -6.43 -8.11 -16.34
N TYR B 230 -7.29 -9.13 -16.23
CA TYR B 230 -7.07 -10.19 -15.26
C TYR B 230 -6.16 -11.27 -15.85
N ASN B 231 -5.25 -11.78 -15.04
CA ASN B 231 -4.40 -12.89 -15.47
C ASN B 231 -4.68 -14.08 -14.56
N PRO B 232 -5.25 -15.16 -15.12
CA PRO B 232 -5.61 -16.36 -14.35
C PRO B 232 -4.39 -17.14 -13.85
N ASP B 233 -3.25 -17.00 -14.51
CA ASP B 233 -2.05 -17.71 -14.08
C ASP B 233 -1.48 -17.10 -12.81
N THR B 234 -1.55 -15.78 -12.69
CA THR B 234 -1.10 -15.08 -11.49
C THR B 234 -2.24 -14.75 -10.51
N GLN B 235 -3.47 -14.80 -10.97
CA GLN B 235 -4.65 -14.42 -10.16
C GLN B 235 -4.64 -12.97 -9.65
N TYR B 236 -4.10 -12.09 -10.48
CA TYR B 236 -4.13 -10.65 -10.19
C TYR B 236 -4.88 -9.92 -11.28
N TYR B 237 -5.57 -8.85 -10.87
CA TYR B 237 -6.03 -7.82 -11.79
C TYR B 237 -4.91 -6.81 -12.01
N TYR B 238 -4.65 -6.51 -13.27
CA TYR B 238 -3.66 -5.49 -13.65
C TYR B 238 -4.36 -4.26 -14.19
N LEU B 239 -4.15 -3.15 -13.49
CA LEU B 239 -4.64 -1.85 -13.92
C LEU B 239 -3.58 -1.09 -14.68
N TYR B 240 -3.78 -0.95 -15.99
CA TYR B 240 -2.88 -0.17 -16.82
C TYR B 240 -3.31 1.29 -16.84
N LEU B 241 -2.33 2.20 -16.87
CA LEU B 241 -2.63 3.62 -16.81
C LEU B 241 -1.66 4.35 -17.72
N SER B 242 -2.11 5.49 -18.26
CA SER B 242 -1.22 6.38 -18.99
C SER B 242 -0.86 7.60 -18.13
N TYR B 243 0.44 7.81 -17.89
CA TYR B 243 0.93 8.96 -17.12
C TYR B 243 1.42 10.04 -18.08
N GLY B 244 1.18 11.30 -17.74
CA GLY B 244 1.73 12.40 -18.53
C GLY B 244 0.76 12.85 -19.60
N GLY B 245 1.28 13.61 -20.57
CA GLY B 245 0.48 14.12 -21.68
C GLY B 245 0.73 13.36 -22.97
N LEU B 246 -0.28 13.25 -23.82
N LEU B 246 -0.29 13.30 -23.81
CA LEU B 246 -0.19 12.38 -24.98
CA LEU B 246 -0.29 12.44 -24.99
C LEU B 246 0.61 12.98 -26.14
C LEU B 246 0.59 12.98 -26.12
N ASP B 247 0.80 14.30 -26.12
CA ASP B 247 1.48 14.94 -27.25
C ASP B 247 2.97 14.65 -27.26
N ALA B 248 3.64 15.07 -28.33
CA ALA B 248 5.06 14.73 -28.53
C ALA B 248 5.95 15.20 -27.40
N THR B 249 5.52 16.25 -26.69
CA THR B 249 6.32 16.75 -25.57
C THR B 249 5.67 16.47 -24.22
N GLY B 250 4.66 15.60 -24.23
CA GLY B 250 3.87 15.36 -23.02
C GLY B 250 4.42 14.35 -22.03
N GLY B 251 5.37 13.51 -22.47
CA GLY B 251 5.96 12.50 -21.59
C GLY B 251 5.08 11.26 -21.37
N TYR B 252 4.13 11.04 -22.27
CA TYR B 252 3.20 9.92 -22.14
C TYR B 252 3.98 8.62 -21.91
N ASN B 253 3.53 7.79 -20.98
CA ASN B 253 4.16 6.50 -20.74
C ASN B 253 3.15 5.53 -20.12
N ILE B 254 3.36 4.24 -20.33
CA ILE B 254 2.40 3.23 -19.90
C ILE B 254 2.84 2.65 -18.57
N ARG B 255 1.94 2.62 -17.60
CA ARG B 255 2.25 2.08 -16.27
C ARG B 255 1.22 1.05 -15.89
N VAL B 256 1.49 0.32 -14.82
CA VAL B 256 0.60 -0.76 -14.39
C VAL B 256 0.72 -0.94 -12.87
N ALA B 257 -0.39 -1.27 -12.23
CA ALA B 257 -0.41 -1.63 -10.82
C ALA B 257 -1.26 -2.89 -10.74
N ARG B 258 -1.38 -3.49 -9.56
CA ARG B 258 -2.16 -4.72 -9.51
C ARG B 258 -2.90 -4.89 -8.20
N SER B 259 -3.89 -5.78 -8.22
CA SER B 259 -4.71 -6.04 -7.05
C SER B 259 -5.31 -7.42 -7.16
N LYS B 260 -5.56 -8.04 -6.01
CA LYS B 260 -6.27 -9.31 -5.98
C LYS B 260 -7.76 -9.14 -6.30
N LYS B 261 -8.24 -7.90 -6.20
CA LYS B 261 -9.64 -7.62 -6.46
C LYS B 261 -9.78 -6.61 -7.60
N PRO B 262 -10.85 -6.75 -8.39
CA PRO B 262 -11.03 -5.83 -9.53
C PRO B 262 -11.13 -4.38 -9.09
N ASP B 263 -11.77 -4.10 -7.94
CA ASP B 263 -11.92 -2.73 -7.45
C ASP B 263 -10.88 -2.34 -6.38
N GLY B 264 -9.72 -2.99 -6.41
CA GLY B 264 -8.59 -2.60 -5.55
C GLY B 264 -8.69 -3.11 -4.12
N PRO B 265 -7.81 -2.60 -3.25
CA PRO B 265 -6.82 -1.55 -3.54
C PRO B 265 -5.70 -2.04 -4.45
N TYR B 266 -5.25 -1.15 -5.33
CA TYR B 266 -4.14 -1.44 -6.23
C TYR B 266 -2.80 -0.94 -5.65
N TYR B 267 -1.73 -1.67 -5.98
CA TYR B 267 -0.39 -1.38 -5.50
C TYR B 267 0.57 -1.53 -6.65
N ASP B 268 1.70 -0.82 -6.58
CA ASP B 268 2.79 -1.09 -7.51
C ASP B 268 3.77 -2.13 -6.95
N ALA B 269 4.90 -2.30 -7.61
CA ALA B 269 5.82 -3.38 -7.32
C ALA B 269 6.57 -3.22 -5.98
N GLU B 270 6.59 -2.00 -5.48
CA GLU B 270 7.26 -1.63 -4.25
C GLU B 270 6.28 -1.67 -3.10
N GLY B 271 5.00 -1.86 -3.42
CA GLY B 271 3.96 -1.90 -2.45
C GLY B 271 3.44 -0.52 -2.10
N ASN B 272 3.71 0.45 -2.96
CA ASN B 272 3.08 1.76 -2.81
C ASN B 272 1.58 1.64 -3.06
N PRO B 273 0.75 2.15 -2.14
CA PRO B 273 -0.69 2.18 -2.44
C PRO B 273 -0.96 3.15 -3.60
N MET B 274 -1.66 2.72 -4.64
CA MET B 274 -2.00 3.63 -5.72
C MET B 274 -2.96 4.71 -5.22
N LEU B 275 -3.64 4.44 -4.11
CA LEU B 275 -4.53 5.44 -3.53
C LEU B 275 -3.76 6.67 -3.07
N ASP B 276 -2.44 6.50 -2.88
CA ASP B 276 -1.58 7.60 -2.46
C ASP B 276 -1.09 8.41 -3.66
N VAL B 277 -1.53 8.03 -4.86
CA VAL B 277 -1.18 8.80 -6.04
C VAL B 277 -2.16 9.96 -6.13
N ARG B 278 -1.68 11.18 -5.89
CA ARG B 278 -2.55 12.36 -5.88
C ARG B 278 -1.73 13.64 -5.86
N GLY B 279 -2.21 14.66 -6.55
CA GLY B 279 -1.60 15.98 -6.39
C GLY B 279 -1.97 16.56 -5.04
N LYS B 280 -1.13 17.46 -4.54
CA LYS B 280 -1.45 18.19 -3.31
C LYS B 280 -2.61 19.16 -3.58
N GLY B 281 -3.43 19.42 -2.57
CA GLY B 281 -4.49 20.41 -2.72
C GLY B 281 -3.95 21.73 -3.25
N GLY B 282 -4.64 22.31 -4.22
CA GLY B 282 -4.25 23.60 -4.77
C GLY B 282 -3.17 23.51 -5.82
N THR B 283 -2.82 22.29 -6.23
CA THR B 283 -1.90 22.10 -7.35
C THR B 283 -2.61 21.58 -8.59
N PHE B 284 -1.94 21.69 -9.72
CA PHE B 284 -2.47 21.22 -11.00
C PHE B 284 -1.35 20.59 -11.80
N PHE B 285 -1.58 19.37 -12.30
CA PHE B 285 -0.62 18.69 -13.16
C PHE B 285 0.75 18.51 -12.52
N ASP B 286 0.77 18.23 -11.22
CA ASP B 286 2.06 18.14 -10.54
C ASP B 286 2.66 16.74 -10.73
N ASP B 287 3.49 16.60 -11.76
CA ASP B 287 4.04 15.29 -12.10
C ASP B 287 4.94 14.75 -10.99
N ARG B 288 5.53 15.64 -10.19
CA ARG B 288 6.46 15.20 -9.14
C ARG B 288 5.79 14.23 -8.19
N SER B 289 4.54 14.51 -7.86
CA SER B 289 3.83 13.72 -6.87
C SER B 289 3.47 12.34 -7.38
N ILE B 290 3.40 12.17 -8.70
CA ILE B 290 2.95 10.89 -9.22
C ILE B 290 4.05 9.99 -9.79
N GLU B 291 5.18 10.59 -10.17
CA GLU B 291 6.28 9.83 -10.77
C GLU B 291 6.73 8.63 -9.96
N PRO B 292 6.72 8.74 -8.61
CA PRO B 292 7.23 7.59 -7.86
C PRO B 292 6.33 6.34 -7.89
N TYR B 293 5.10 6.47 -8.40
CA TYR B 293 4.13 5.41 -8.24
C TYR B 293 3.84 4.69 -9.54
N GLY B 294 3.71 3.37 -9.45
CA GLY B 294 3.31 2.56 -10.59
C GLY B 294 4.52 1.89 -11.24
N VAL B 295 4.29 0.75 -11.87
CA VAL B 295 5.35 0.09 -12.62
C VAL B 295 5.36 0.72 -14.01
N LYS B 296 6.48 1.35 -14.38
CA LYS B 296 6.56 1.98 -15.71
C LYS B 296 7.04 0.98 -16.75
N LEU B 297 6.14 0.57 -17.64
CA LEU B 297 6.48 -0.42 -18.67
C LEU B 297 7.17 0.11 -19.94
N MET B 298 6.87 1.36 -20.33
CA MET B 298 7.36 1.88 -21.61
C MET B 298 7.15 3.40 -21.71
N GLY B 299 8.20 4.12 -22.07
CA GLY B 299 8.14 5.55 -22.34
C GLY B 299 8.83 5.81 -23.67
N SER B 300 9.07 7.07 -24.01
CA SER B 300 9.78 7.38 -25.26
C SER B 300 11.20 6.80 -25.27
N TYR B 301 11.62 6.25 -26.40
CA TYR B 301 12.92 5.60 -26.50
C TYR B 301 13.27 5.55 -27.97
N THR B 302 14.57 5.39 -28.26
CA THR B 302 14.99 5.02 -29.60
C THR B 302 16.17 4.04 -29.50
N PHE B 303 16.11 3.01 -30.33
CA PHE B 303 17.24 2.09 -30.47
C PHE B 303 18.17 2.59 -31.55
N GLU B 304 17.77 3.67 -32.22
CA GLU B 304 18.56 4.21 -33.31
C GLU B 304 19.84 4.85 -32.79
N THR B 305 20.95 4.56 -33.45
CA THR B 305 22.25 5.13 -33.12
C THR B 305 22.89 5.75 -34.36
N GLU B 306 24.05 6.38 -34.23
CA GLU B 306 24.73 6.96 -35.38
C GLU B 306 25.07 5.86 -36.39
N ASN B 307 25.29 4.67 -35.89
CA ASN B 307 25.81 3.50 -36.59
C ASN B 307 24.79 2.64 -37.26
N GLU B 308 23.53 2.79 -36.88
CA GLU B 308 22.56 1.75 -37.11
C GLU B 308 21.13 2.23 -36.89
N LYS B 309 20.27 1.91 -37.83
CA LYS B 309 18.88 2.29 -37.75
C LYS B 309 18.27 1.50 -36.58
N GLY B 310 17.18 2.01 -36.04
CA GLY B 310 16.48 1.29 -34.99
C GLY B 310 15.05 1.74 -34.85
N THR B 311 14.25 0.95 -34.14
CA THR B 311 12.88 1.35 -33.81
C THR B 311 12.89 2.47 -32.77
N GLY B 312 11.77 3.15 -32.62
CA GLY B 312 11.68 4.20 -31.61
C GLY B 312 10.29 4.79 -31.54
N TYR B 313 9.84 5.08 -30.32
CA TYR B 313 8.51 5.66 -30.06
C TYR B 313 8.62 6.93 -29.25
N VAL B 314 7.67 7.83 -29.48
CA VAL B 314 7.47 9.03 -28.68
C VAL B 314 6.07 8.95 -28.05
N SER B 315 5.97 9.13 -26.74
CA SER B 315 4.68 9.12 -26.05
C SER B 315 3.78 7.90 -26.35
N PRO B 316 4.30 6.68 -26.16
CA PRO B 316 3.42 5.51 -26.26
C PRO B 316 2.43 5.52 -25.10
N GLY B 317 1.18 5.15 -25.33
CA GLY B 317 0.21 5.14 -24.25
C GLY B 317 -1.23 4.89 -24.68
N ALA B 318 -2.14 5.17 -23.76
CA ALA B 318 -3.57 4.99 -23.98
C ALA B 318 -3.87 3.53 -24.30
N ASN B 319 -3.29 2.61 -23.55
CA ASN B 319 -3.31 1.20 -23.95
C ASN B 319 -4.56 0.44 -23.53
N SER B 320 -4.79 -0.67 -24.24
CA SER B 320 -5.62 -1.73 -23.71
C SER B 320 -4.73 -2.98 -23.66
N ALA B 321 -5.30 -4.12 -23.32
CA ALA B 321 -4.51 -5.33 -23.20
C ALA B 321 -5.43 -6.52 -23.40
N TYR B 322 -4.85 -7.62 -23.83
CA TYR B 322 -5.63 -8.81 -24.17
C TYR B 322 -4.95 -10.04 -23.60
N TYR B 323 -5.73 -10.92 -22.98
CA TYR B 323 -5.20 -12.20 -22.54
C TYR B 323 -5.88 -13.29 -23.35
N ASP B 324 -5.10 -14.07 -24.06
CA ASP B 324 -5.62 -15.07 -24.98
C ASP B 324 -5.81 -16.38 -24.25
N GLU B 325 -7.05 -16.77 -24.03
CA GLU B 325 -7.29 -17.93 -23.22
C GLU B 325 -6.78 -19.26 -23.79
N LYS B 326 -6.73 -19.37 -25.09
CA LYS B 326 -6.25 -20.56 -25.79
C LYS B 326 -4.74 -20.79 -25.78
N THR B 327 -3.94 -19.72 -25.83
CA THR B 327 -2.51 -19.85 -25.77
C THR B 327 -1.87 -19.35 -24.52
N GLY B 328 -2.60 -18.62 -23.72
CA GLY B 328 -2.10 -18.05 -22.50
C GLY B 328 -1.22 -16.81 -22.71
N ARG B 329 -1.12 -16.38 -23.95
N ARG B 329 -1.12 -16.38 -23.95
CA ARG B 329 -0.34 -15.17 -24.29
C ARG B 329 -1.10 -13.86 -23.92
C ARG B 329 -1.10 -13.86 -23.93
N SER B 330 -0.37 -12.81 -23.54
CA SER B 330 -0.93 -11.51 -23.27
C SER B 330 -0.32 -10.49 -24.24
N TYR B 331 -1.05 -9.44 -24.52
CA TYR B 331 -0.58 -8.41 -25.43
C TYR B 331 -0.96 -7.03 -24.93
N LEU B 332 -0.10 -6.07 -25.23
CA LEU B 332 -0.32 -4.66 -24.94
C LEU B 332 -0.67 -4.02 -26.27
N ILE B 333 -1.80 -3.33 -26.32
CA ILE B 333 -2.27 -2.67 -27.54
C ILE B 333 -2.36 -1.17 -27.21
N PHE B 334 -1.69 -0.35 -27.99
CA PHE B 334 -1.66 1.09 -27.67
C PHE B 334 -1.44 1.93 -28.92
N HIS B 335 -1.43 3.25 -28.75
CA HIS B 335 -0.97 4.09 -29.85
C HIS B 335 0.35 4.72 -29.47
N THR B 336 1.04 5.23 -30.47
CA THR B 336 2.29 5.94 -30.21
C THR B 336 2.59 6.91 -31.33
N ARG B 337 3.34 7.94 -30.97
CA ARG B 337 3.91 8.86 -31.93
C ARG B 337 5.34 8.38 -32.12
N PHE B 338 6.13 9.09 -32.94
CA PHE B 338 7.44 8.61 -33.35
C PHE B 338 8.44 9.76 -33.47
N PRO B 339 9.73 9.47 -33.22
CA PRO B 339 10.77 10.49 -33.41
C PRO B 339 10.70 11.06 -34.83
N GLY B 340 10.72 12.39 -34.93
CA GLY B 340 10.74 13.04 -36.23
C GLY B 340 9.42 13.08 -36.98
N ARG B 341 8.35 12.51 -36.43
CA ARG B 341 7.07 12.49 -37.12
C ARG B 341 5.98 13.32 -36.43
N GLY B 342 6.40 14.21 -35.53
CA GLY B 342 5.49 15.12 -34.90
C GLY B 342 4.35 14.44 -34.18
N GLU B 343 3.13 14.76 -34.57
CA GLU B 343 1.96 14.27 -33.91
C GLU B 343 1.29 13.05 -34.61
N GLU B 344 1.95 12.50 -35.61
CA GLU B 344 1.46 11.31 -36.27
C GLU B 344 1.44 10.13 -35.32
N HIS B 345 0.37 9.36 -35.35
CA HIS B 345 0.25 8.24 -34.45
C HIS B 345 -0.28 6.96 -35.16
N GLU B 346 0.19 5.84 -34.67
CA GLU B 346 -0.24 4.55 -35.20
C GLU B 346 -0.46 3.59 -34.05
N VAL B 347 -1.23 2.56 -34.32
CA VAL B 347 -1.46 1.46 -33.40
C VAL B 347 -0.23 0.56 -33.33
N ARG B 348 0.12 0.14 -32.13
CA ARG B 348 1.20 -0.83 -31.95
C ARG B 348 0.75 -1.94 -31.01
N VAL B 349 1.30 -3.15 -31.21
CA VAL B 349 1.00 -4.27 -30.34
C VAL B 349 2.34 -4.85 -29.88
N HIS B 350 2.55 -4.93 -28.58
CA HIS B 350 3.72 -5.63 -28.03
C HIS B 350 3.27 -6.77 -27.12
N GLN B 351 3.89 -7.93 -27.27
CA GLN B 351 3.56 -9.06 -26.44
C GLN B 351 4.02 -8.75 -25.01
N LEU B 352 3.26 -9.25 -24.03
CA LEU B 352 3.60 -9.12 -22.63
C LEU B 352 3.94 -10.49 -22.02
N PHE B 353 4.89 -10.49 -21.08
CA PHE B 353 5.27 -11.72 -20.38
C PHE B 353 5.29 -11.48 -18.88
N MET B 354 4.78 -12.42 -18.11
CA MET B 354 4.82 -12.28 -16.68
C MET B 354 6.14 -12.71 -16.13
N ASN B 355 6.75 -11.88 -15.31
CA ASN B 355 8.01 -12.26 -14.67
C ASN B 355 7.79 -13.13 -13.42
N LYS B 356 8.89 -13.47 -12.73
CA LYS B 356 8.80 -14.43 -11.64
C LYS B 356 7.99 -13.90 -10.47
N ASP B 357 7.86 -12.58 -10.37
CA ASP B 357 7.06 -12.01 -9.30
C ASP B 357 5.67 -11.58 -9.73
N GLY B 358 5.26 -12.01 -10.91
CA GLY B 358 3.90 -11.75 -11.37
C GLY B 358 3.67 -10.36 -11.93
N TRP B 359 4.73 -9.74 -12.44
CA TRP B 359 4.59 -8.45 -13.11
C TRP B 359 4.89 -8.60 -14.59
N PRO B 360 4.11 -7.93 -15.45
CA PRO B 360 4.33 -8.06 -16.90
C PRO B 360 5.51 -7.22 -17.37
N VAL B 361 6.24 -7.75 -18.35
CA VAL B 361 7.27 -7.00 -19.04
C VAL B 361 6.92 -7.00 -20.52
N ALA B 362 7.17 -5.88 -21.20
CA ALA B 362 6.80 -5.79 -22.61
C ALA B 362 7.98 -6.18 -23.49
N ALA B 363 7.71 -6.92 -24.55
CA ALA B 363 8.73 -7.17 -25.56
C ALA B 363 9.24 -5.82 -26.08
N PRO B 364 10.55 -5.71 -26.29
CA PRO B 364 11.10 -4.45 -26.82
C PRO B 364 10.61 -4.10 -28.22
N TYR B 365 10.20 -5.10 -29.01
CA TYR B 365 9.80 -4.88 -30.40
C TYR B 365 8.36 -5.32 -30.61
N ARG B 366 7.70 -4.69 -31.56
CA ARG B 366 6.31 -4.99 -31.85
C ARG B 366 6.09 -6.46 -32.21
N TYR B 367 4.90 -6.95 -31.93
CA TYR B 367 4.56 -8.34 -32.13
C TYR B 367 4.62 -8.75 -33.61
N ALA B 368 5.33 -9.85 -33.88
CA ALA B 368 5.55 -10.35 -35.23
C ALA B 368 5.30 -11.85 -35.35
N GLY B 369 4.69 -12.45 -34.33
CA GLY B 369 4.41 -13.84 -34.30
C GLY B 369 5.35 -14.64 -33.39
N GLU B 370 6.26 -13.95 -32.75
CA GLU B 370 7.20 -14.53 -31.84
C GLU B 370 6.52 -15.27 -30.69
N THR B 371 7.16 -16.19 -30.16
N THR B 371 7.15 -16.20 -30.15
CA THR B 371 6.70 -16.86 -28.94
CA THR B 371 6.69 -16.78 -28.90
C THR B 371 7.88 -17.07 -27.99
C THR B 371 7.87 -17.00 -27.97
N LEU B 372 7.61 -17.20 -26.74
CA LEU B 372 8.56 -17.49 -25.67
C LEU B 372 9.14 -18.89 -25.80
N LYS B 373 10.38 -19.04 -26.28
CA LYS B 373 10.94 -20.34 -26.55
C LYS B 373 12.15 -20.58 -25.68
N GLU B 374 12.67 -21.80 -25.70
CA GLU B 374 13.89 -22.07 -24.95
C GLU B 374 14.99 -21.20 -25.53
N VAL B 375 15.76 -20.56 -24.65
CA VAL B 375 16.88 -19.76 -25.08
C VAL B 375 18.15 -20.40 -24.55
N LYS B 376 19.19 -20.47 -25.39
CA LYS B 376 20.48 -21.03 -24.97
C LYS B 376 21.45 -19.93 -24.59
N GLN B 377 22.27 -20.19 -23.60
CA GLN B 377 23.26 -19.24 -23.20
C GLN B 377 24.15 -18.78 -24.37
N LYS B 378 24.47 -19.68 -25.28
CA LYS B 378 25.34 -19.31 -26.39
C LYS B 378 24.69 -18.24 -27.28
N ASP B 379 23.37 -18.16 -27.25
CA ASP B 379 22.67 -17.15 -28.01
C ASP B 379 22.49 -15.85 -27.23
N ILE B 380 22.82 -15.87 -25.95
CA ILE B 380 22.66 -14.69 -25.13
C ILE B 380 23.94 -13.83 -25.06
N THR B 381 25.05 -14.48 -24.86
CA THR B 381 26.26 -13.75 -24.68
C THR B 381 26.61 -12.78 -25.85
N GLY B 382 27.14 -11.63 -25.49
CA GLY B 382 27.49 -10.63 -26.49
C GLY B 382 27.17 -9.22 -26.04
N THR B 383 27.14 -8.30 -27.01
CA THR B 383 26.93 -6.87 -26.73
C THR B 383 25.48 -6.46 -26.96
N TYR B 384 24.93 -5.64 -26.06
CA TYR B 384 23.53 -5.22 -26.16
C TYR B 384 23.43 -3.70 -26.10
N LYS B 385 22.48 -3.13 -26.85
CA LYS B 385 22.04 -1.74 -26.64
C LYS B 385 20.96 -1.80 -25.60
N LEU B 386 21.04 -0.90 -24.63
CA LEU B 386 20.19 -0.98 -23.46
C LEU B 386 19.34 0.29 -23.34
N ILE B 387 18.01 0.12 -23.28
CA ILE B 387 17.12 1.22 -22.92
C ILE B 387 16.68 1.07 -21.49
N GLN B 388 16.88 2.12 -20.69
CA GLN B 388 16.36 2.12 -19.33
C GLN B 388 15.22 3.12 -19.28
N HIS B 389 14.00 2.61 -19.15
CA HIS B 389 12.80 3.48 -19.17
C HIS B 389 12.65 4.36 -17.94
N GLY B 390 13.24 3.98 -16.83
CA GLY B 390 13.18 4.79 -15.63
C GLY B 390 11.84 4.89 -14.96
N LYS B 391 11.63 5.98 -14.24
CA LYS B 391 10.40 6.19 -13.52
C LYS B 391 9.82 7.60 -13.66
N ASP B 392 10.43 8.41 -14.49
CA ASP B 392 9.99 9.76 -14.74
C ASP B 392 8.83 9.89 -15.76
N ILE B 393 8.24 11.07 -15.76
CA ILE B 393 7.43 11.55 -16.86
C ILE B 393 8.31 12.57 -17.58
N SER B 394 8.76 12.20 -18.78
CA SER B 394 9.75 13.01 -19.48
C SER B 394 9.50 13.05 -20.97
N ALA B 395 9.66 14.22 -21.56
CA ALA B 395 9.55 14.36 -23.01
C ALA B 395 10.85 13.94 -23.70
N ASP B 396 11.87 13.63 -22.92
CA ASP B 396 13.15 13.26 -23.51
C ASP B 396 13.07 11.83 -24.04
N ILE B 397 13.51 11.64 -25.28
N ILE B 397 13.50 11.63 -25.29
CA ILE B 397 13.56 10.31 -25.87
CA ILE B 397 13.55 10.30 -25.85
C ILE B 397 14.75 9.56 -25.26
C ILE B 397 14.75 9.56 -25.26
N LYS B 398 14.50 8.48 -24.54
CA LYS B 398 15.59 7.72 -23.91
C LYS B 398 16.50 7.11 -24.99
N GLN B 399 17.80 7.27 -24.81
CA GLN B 399 18.78 6.70 -25.73
C GLN B 399 19.50 5.48 -25.14
N THR B 400 20.07 4.69 -26.03
CA THR B 400 20.71 3.48 -25.56
C THR B 400 22.10 3.70 -25.00
N ILE B 401 22.48 2.80 -24.08
CA ILE B 401 23.90 2.63 -23.73
C ILE B 401 24.27 1.20 -24.06
N ASN B 402 25.57 0.93 -24.13
CA ASN B 402 26.10 -0.39 -24.50
C ASN B 402 26.61 -1.20 -23.32
N ILE B 403 26.17 -2.44 -23.22
CA ILE B 403 26.70 -3.36 -22.22
C ILE B 403 27.06 -4.70 -22.88
N GLN B 404 27.84 -5.52 -22.17
CA GLN B 404 28.12 -6.86 -22.66
C GLN B 404 27.66 -7.84 -21.63
N LEU B 405 26.97 -8.89 -22.08
CA LEU B 405 26.66 -10.02 -21.20
C LEU B 405 27.73 -11.06 -21.49
N ASN B 406 28.62 -11.26 -20.53
CA ASN B 406 29.83 -12.06 -20.73
C ASN B 406 29.64 -13.53 -20.40
N LYS B 407 30.46 -14.38 -21.00
CA LYS B 407 30.31 -15.82 -20.81
C LYS B 407 30.42 -16.23 -19.33
N ASN B 408 31.16 -15.45 -18.54
CA ASN B 408 31.30 -15.74 -17.12
C ASN B 408 30.18 -15.18 -16.25
N HIS B 409 29.12 -14.70 -16.89
CA HIS B 409 27.92 -14.21 -16.19
C HIS B 409 28.05 -12.83 -15.56
N THR B 410 29.12 -12.14 -15.88
CA THR B 410 29.25 -10.75 -15.50
C THR B 410 28.63 -9.88 -16.60
N ILE B 411 28.20 -8.70 -16.20
CA ILE B 411 27.86 -7.66 -17.16
C ILE B 411 28.94 -6.60 -17.07
N SER B 412 29.40 -6.15 -18.23
CA SER B 412 30.38 -5.06 -18.28
C SER B 412 29.93 -4.04 -19.32
N GLY B 413 30.77 -3.03 -19.58
CA GLY B 413 30.44 -2.05 -20.60
C GLY B 413 30.11 -0.72 -19.95
N GLU B 414 28.97 -0.14 -20.29
CA GLU B 414 28.56 1.12 -19.68
C GLU B 414 27.89 0.91 -18.32
N MET B 415 27.66 -0.35 -17.98
CA MET B 415 27.25 -0.69 -16.64
C MET B 415 27.95 -1.96 -16.21
N THR B 416 27.94 -2.21 -14.91
CA THR B 416 28.50 -3.45 -14.39
C THR B 416 27.39 -4.17 -13.63
N GLY B 417 27.46 -5.49 -13.64
CA GLY B 417 26.43 -6.29 -13.00
C GLY B 417 26.65 -7.75 -13.31
N THR B 418 25.55 -8.51 -13.30
CA THR B 418 25.60 -9.93 -13.57
C THR B 418 24.35 -10.33 -14.34
N TRP B 419 24.41 -11.49 -14.97
CA TRP B 419 23.25 -12.04 -15.64
C TRP B 419 23.19 -13.55 -15.49
N ARG B 420 21.97 -14.06 -15.48
CA ARG B 420 21.70 -15.47 -15.33
C ARG B 420 20.42 -15.77 -16.11
N LYS B 421 20.28 -16.99 -16.55
CA LYS B 421 19.02 -17.45 -17.10
C LYS B 421 18.48 -18.49 -16.14
N THR B 422 17.19 -18.38 -15.85
CA THR B 422 16.48 -19.32 -14.99
C THR B 422 15.58 -20.12 -15.91
N GLY B 423 15.52 -21.44 -15.72
CA GLY B 423 14.64 -22.25 -16.52
C GLY B 423 14.78 -22.05 -18.01
N LYS B 424 13.64 -22.04 -18.71
CA LYS B 424 13.62 -21.99 -20.17
C LYS B 424 14.13 -20.67 -20.73
N ASN B 425 13.75 -19.57 -20.12
CA ASN B 425 13.93 -18.29 -20.78
C ASN B 425 13.79 -17.08 -19.86
N THR B 426 13.88 -17.31 -18.56
N THR B 426 13.82 -17.29 -18.54
CA THR B 426 13.76 -16.19 -17.65
CA THR B 426 13.68 -16.15 -17.64
C THR B 426 15.08 -15.46 -17.53
C THR B 426 15.01 -15.46 -17.33
N ALA B 427 14.99 -14.14 -17.49
CA ALA B 427 16.17 -13.30 -17.34
C ALA B 427 16.26 -12.78 -15.91
N ASP B 428 17.39 -13.05 -15.28
CA ASP B 428 17.68 -12.66 -13.92
C ASP B 428 18.94 -11.77 -14.00
N ILE B 429 18.75 -10.47 -13.93
CA ILE B 429 19.82 -9.54 -14.24
C ILE B 429 20.05 -8.53 -13.11
N THR B 430 21.30 -8.32 -12.76
N THR B 430 21.32 -8.31 -12.79
CA THR B 430 21.61 -7.24 -11.84
CA THR B 430 21.70 -7.29 -11.83
C THR B 430 22.49 -6.16 -12.50
C THR B 430 22.51 -6.17 -12.50
N LEU B 431 22.11 -4.94 -12.25
CA LEU B 431 22.84 -3.81 -12.81
C LEU B 431 23.12 -2.85 -11.68
N ALA B 432 24.39 -2.64 -11.39
CA ALA B 432 24.77 -1.65 -10.38
C ALA B 432 23.99 -1.91 -9.09
N GLY B 433 23.92 -3.18 -8.70
CA GLY B 433 23.32 -3.53 -7.43
C GLY B 433 21.81 -3.62 -7.40
N LYS B 434 21.16 -3.38 -8.54
CA LYS B 434 19.71 -3.53 -8.63
C LYS B 434 19.38 -4.82 -9.35
N LYS B 435 18.44 -5.59 -8.76
CA LYS B 435 18.01 -6.87 -9.30
C LYS B 435 16.76 -6.73 -10.19
N TYR B 436 16.87 -7.22 -11.42
CA TYR B 436 15.77 -7.19 -12.37
C TYR B 436 15.37 -8.61 -12.74
N ASN B 437 14.10 -8.79 -13.09
CA ASN B 437 13.63 -10.11 -13.52
C ASN B 437 12.69 -9.95 -14.70
N GLY B 438 12.81 -10.83 -15.68
CA GLY B 438 12.00 -10.73 -16.88
C GLY B 438 12.26 -11.92 -17.80
N VAL B 439 12.35 -11.65 -19.11
N VAL B 439 12.31 -11.66 -19.11
CA VAL B 439 12.50 -12.73 -20.08
CA VAL B 439 12.52 -12.74 -20.08
C VAL B 439 13.57 -12.45 -21.13
C VAL B 439 13.63 -12.45 -21.08
N PHE B 440 14.21 -13.52 -21.61
CA PHE B 440 15.05 -13.46 -22.80
C PHE B 440 14.16 -13.87 -23.96
N LEU B 441 14.28 -13.20 -25.08
CA LEU B 441 13.33 -13.38 -26.15
C LEU B 441 13.91 -13.06 -27.53
N ARG B 442 13.97 -14.02 -28.44
CA ARG B 442 14.34 -13.73 -29.79
C ARG B 442 13.14 -13.22 -30.53
N GLN B 443 13.31 -12.09 -31.15
CA GLN B 443 12.26 -11.56 -31.95
C GLN B 443 12.67 -10.77 -33.20
N TRP B 444 11.70 -10.13 -33.81
CA TRP B 444 11.91 -9.43 -35.06
C TRP B 444 12.06 -7.92 -34.85
N ASP B 445 13.09 -7.38 -35.44
CA ASP B 445 13.28 -5.93 -35.54
C ASP B 445 12.80 -5.54 -36.93
N SER B 446 11.66 -4.86 -36.97
CA SER B 446 11.01 -4.55 -38.25
C SER B 446 11.66 -3.38 -39.00
N VAL B 447 12.57 -2.68 -38.34
CA VAL B 447 13.27 -1.58 -39.00
C VAL B 447 14.51 -2.11 -39.71
N ARG B 448 15.32 -2.89 -38.99
N ARG B 448 15.31 -2.91 -39.00
CA ARG B 448 16.50 -3.52 -39.58
CA ARG B 448 16.49 -3.51 -39.61
C ARG B 448 16.15 -4.79 -40.35
C ARG B 448 16.16 -4.82 -40.33
N GLU B 449 14.95 -5.31 -40.13
CA GLU B 449 14.48 -6.54 -40.77
C GLU B 449 15.40 -7.72 -40.50
N LYS B 450 15.62 -7.97 -39.21
CA LYS B 450 16.47 -9.04 -38.71
C LYS B 450 15.86 -9.56 -37.43
N ASN B 451 16.10 -10.84 -37.14
CA ASN B 451 15.86 -11.35 -35.80
C ASN B 451 16.88 -10.75 -34.86
N VAL B 452 16.52 -10.61 -33.60
CA VAL B 452 17.44 -10.08 -32.62
C VAL B 452 17.16 -10.72 -31.27
N MET B 453 18.20 -11.10 -30.54
CA MET B 453 18.00 -11.56 -29.18
C MET B 453 17.72 -10.33 -28.32
N THR B 454 16.80 -10.49 -27.37
N THR B 454 16.74 -10.44 -27.43
CA THR B 454 16.28 -9.41 -26.56
CA THR B 454 16.38 -9.33 -26.55
C THR B 454 16.19 -9.83 -25.11
C THR B 454 16.22 -9.82 -25.12
N PHE B 455 16.21 -8.87 -24.19
CA PHE B 455 15.70 -9.13 -22.84
C PHE B 455 14.86 -7.94 -22.40
N SER B 456 13.88 -8.23 -21.57
CA SER B 456 13.00 -7.20 -21.02
C SER B 456 12.79 -7.59 -19.57
N VAL B 457 13.21 -6.72 -18.69
CA VAL B 457 13.22 -7.02 -17.27
C VAL B 457 12.72 -5.85 -16.40
N LEU B 458 12.34 -6.15 -15.16
N LEU B 458 12.36 -6.16 -15.15
CA LEU B 458 11.85 -5.12 -14.28
CA LEU B 458 11.83 -5.13 -14.28
C LEU B 458 12.48 -5.26 -12.88
C LEU B 458 12.47 -5.25 -12.88
N ASN B 459 12.77 -4.17 -12.20
CA ASN B 459 13.13 -4.19 -10.79
C ASN B 459 11.98 -3.80 -9.86
N THR B 460 12.27 -3.85 -8.58
CA THR B 460 11.26 -3.58 -7.56
C THR B 460 10.74 -2.15 -7.61
N SER B 461 11.58 -1.21 -8.02
CA SER B 461 11.15 0.17 -8.12
C SER B 461 10.23 0.39 -9.33
N GLY B 462 9.90 -0.71 -10.01
CA GLY B 462 9.05 -0.66 -11.19
C GLY B 462 9.74 -0.03 -12.38
N GLU B 463 11.06 -0.17 -12.44
CA GLU B 463 11.84 0.33 -13.57
C GLU B 463 12.06 -0.78 -14.58
N ALA B 464 11.77 -0.48 -15.84
CA ALA B 464 11.88 -1.44 -16.93
C ALA B 464 13.15 -1.22 -17.73
N VAL B 465 13.81 -2.32 -18.09
CA VAL B 465 15.02 -2.26 -18.87
C VAL B 465 14.91 -3.21 -20.07
N TRP B 466 15.30 -2.73 -21.24
CA TRP B 466 15.24 -3.49 -22.48
C TRP B 466 16.64 -3.63 -23.05
N GLY B 467 16.99 -4.85 -23.43
CA GLY B 467 18.26 -5.09 -24.10
C GLY B 467 18.00 -5.60 -25.51
N SER B 468 18.76 -5.08 -26.45
CA SER B 468 18.68 -5.51 -27.85
C SER B 468 20.09 -5.88 -28.34
N LYS B 469 20.25 -7.09 -28.82
CA LYS B 469 21.58 -7.61 -29.12
C LYS B 469 22.15 -7.03 -30.41
N LEU B 470 23.42 -6.63 -30.36
CA LEU B 470 24.11 -6.06 -31.52
C LEU B 470 24.84 -7.14 -32.30
N ALA B 471 25.07 -6.88 -33.59
CA ALA B 471 25.88 -7.77 -34.42
C ALA B 471 27.31 -7.83 -33.89
CA CA C . 6.67 4.75 21.03
CL CL D . -3.51 -2.26 37.98
C1 MPD E . -2.21 14.19 14.40
C2 MPD E . -2.04 15.67 14.64
O2 MPD E . -2.57 15.99 15.95
CM MPD E . -0.57 16.08 14.61
C3 MPD E . -2.82 16.44 13.58
C4 MPD E . -4.29 16.08 13.64
O4 MPD E . -4.83 16.52 14.87
C5 MPD E . -5.04 16.74 12.49
C1 GOL F . 15.97 -7.33 22.01
O1 GOL F . 16.34 -7.50 20.65
C2 GOL F . 15.47 -8.68 22.53
O2 GOL F . 15.61 -9.65 21.53
C3 GOL F . 16.31 -9.08 23.73
O3 GOL F . 16.75 -7.93 24.41
CA CA G . -9.14 3.37 -23.18
NA NA H . 9.98 3.57 -36.64
C TRS I . -7.62 11.15 -23.98
C1 TRS I . -7.49 9.65 -23.76
C2 TRS I . -8.13 11.39 -25.40
C3 TRS I . -8.51 11.80 -22.94
N TRS I . -6.29 11.75 -23.84
O1 TRS I . -7.12 9.41 -22.42
O2 TRS I . -7.09 11.09 -26.31
O3 TRS I . -9.47 10.84 -22.53
CL CL J . 8.00 -0.04 -34.78
C1 GOL K . -9.54 -12.17 -21.24
O1 GOL K . -9.18 -13.41 -21.54
C2 GOL K . -10.27 -11.74 -22.49
O2 GOL K . -10.41 -12.78 -23.48
C3 GOL K . -11.50 -11.13 -21.87
O3 GOL K . -11.71 -11.73 -20.60
C1 GOL L . -13.09 -6.08 -23.63
O1 GOL L . -14.06 -6.36 -24.48
C2 GOL L . -13.56 -6.40 -22.22
O2 GOL L . -13.58 -5.20 -21.74
C3 GOL L . -12.61 -7.30 -21.45
O3 GOL L . -11.29 -6.84 -21.37
#